data_5AFJ
#
_entry.id   5AFJ
#
_cell.length_a   85.203
_cell.length_b   106.477
_cell.length_c   140.989
_cell.angle_alpha   90.00
_cell.angle_beta   90.00
_cell.angle_gamma   90.00
#
_symmetry.space_group_name_H-M   'P 21 21 21'
#
loop_
_entity.id
_entity.type
_entity.pdbx_description
1 polymer 'ACETYLCHOLINE-BINDING PROTEIN, NEURONAL ACETYLCHOLINE RECEPTOR SUBUNIT ALPHA-7'
2 non-polymer 2-acetamido-2-deoxy-beta-D-glucopyranose
3 non-polymer (3S)-6-(4-bromophenyl)-3-hydroxy-1,3-dimethyl-2,3-dihydropyridin-4(1H)-one
4 non-polymer Alpha-Lobeline
5 non-polymer GLYCEROL
6 non-polymer beta-D-mannopyranose
7 non-polymer alpha-D-mannopyranose
8 water water
#
_entity_poly.entity_id   1
_entity_poly.type   'polypeptide(L)'
_entity_poly.pdbx_seq_one_letter_code
;GEFQRKLYKELVKNYNPDVIPTQRDRPVTVYFSLSLLQIMDVDEKNQVVDVVFWLQMSWTDHYLQWNVSEYPGVKQVSVP
ISSLWVPDLAAYNAISKPEVLTPQLALVNSSGHVQYLPSIRQRFSCDVSGVDTESGATCKLKFGSWTHHSRELDLQMQEA
DISGYIPYSRFELVGVTQKRSERFYECCKEPYPDVTFTVTFRKKG
;
_entity_poly.pdbx_strand_id   A,B,C,D,E
#
loop_
_chem_comp.id
_chem_comp.type
_chem_comp.name
_chem_comp.formula
42R non-polymer (3S)-6-(4-bromophenyl)-3-hydroxy-1,3-dimethyl-2,3-dihydropyridin-4(1H)-one 'C13 H14 Br N O2'
BMA D-saccharide, beta linking beta-D-mannopyranose 'C6 H12 O6'
GOL non-polymer GLYCEROL 'C3 H8 O3'
L0B non-polymer Alpha-Lobeline 'C22 H27 N O2'
MAN D-saccharide, alpha linking alpha-D-mannopyranose 'C6 H12 O6'
NAG D-saccharide, beta linking 2-acetamido-2-deoxy-beta-D-glucopyranose 'C8 H15 N O6'
#
# COMPACT_ATOMS: atom_id res chain seq x y z
N GLU A 2 31.94 -9.67 13.78
CA GLU A 2 31.60 -8.28 14.09
C GLU A 2 32.55 -7.33 13.36
N PHE A 3 32.12 -6.87 12.19
CA PHE A 3 32.83 -5.85 11.43
C PHE A 3 31.86 -5.21 10.45
N GLN A 4 30.99 -6.05 9.90
CA GLN A 4 29.93 -5.56 9.01
C GLN A 4 29.11 -4.54 9.78
N ARG A 5 28.96 -4.79 11.07
CA ARG A 5 28.23 -3.92 11.97
C ARG A 5 28.69 -2.48 11.81
N LYS A 6 30.00 -2.25 11.92
CA LYS A 6 30.52 -0.88 11.85
C LYS A 6 30.48 -0.28 10.44
N LEU A 7 30.54 -1.12 9.41
CA LEU A 7 30.29 -0.65 8.05
C LEU A 7 28.92 0.00 7.92
N TYR A 8 27.85 -0.71 8.34
CA TYR A 8 26.51 -0.16 8.26
C TYR A 8 26.33 1.10 9.09
N LYS A 9 27.04 1.18 10.21
CA LYS A 9 27.00 2.36 11.08
C LYS A 9 27.56 3.62 10.39
N GLU A 10 28.62 3.46 9.61
CA GLU A 10 29.24 4.58 8.90
C GLU A 10 28.35 5.03 7.74
N LEU A 11 27.69 4.05 7.15
CA LEU A 11 26.72 4.27 6.10
C LEU A 11 25.57 5.17 6.56
N VAL A 12 25.22 5.08 7.84
CA VAL A 12 24.10 5.86 8.38
C VAL A 12 24.43 7.35 8.57
N LYS A 13 25.57 7.65 9.19
CA LYS A 13 25.92 9.03 9.48
C LYS A 13 26.52 9.76 8.28
N ASN A 14 27.30 9.04 7.48
CA ASN A 14 28.13 9.71 6.48
C ASN A 14 27.74 9.41 5.03
N TYR A 15 26.44 9.41 4.76
CA TYR A 15 25.97 9.04 3.43
C TYR A 15 24.53 9.45 3.16
N ASN A 16 24.33 10.18 2.06
CA ASN A 16 22.98 10.55 1.65
C ASN A 16 22.60 9.87 0.35
N PRO A 17 21.67 8.91 0.43
CA PRO A 17 21.18 8.13 -0.72
C PRO A 17 20.42 8.96 -1.77
N ASP A 18 20.14 10.23 -1.50
CA ASP A 18 19.53 11.10 -2.52
C ASP A 18 20.59 11.70 -3.45
N VAL A 19 21.86 11.62 -3.06
CA VAL A 19 22.96 12.25 -3.81
C VAL A 19 23.58 11.35 -4.87
N ILE A 20 23.48 11.76 -6.13
CA ILE A 20 24.06 11.00 -7.22
C ILE A 20 25.59 11.03 -7.10
N PRO A 21 26.22 9.85 -7.03
CA PRO A 21 27.67 9.73 -6.80
C PRO A 21 28.55 10.08 -8.01
N THR A 22 28.34 11.23 -8.64
CA THR A 22 29.25 11.67 -9.69
C THR A 22 30.54 12.22 -9.08
N GLN A 23 31.55 12.40 -9.91
CA GLN A 23 32.78 13.05 -9.48
C GLN A 23 32.99 14.34 -10.26
N ARG A 24 34.16 14.95 -10.08
CA ARG A 24 34.49 16.20 -10.75
C ARG A 24 34.29 16.09 -12.26
N ASP A 25 33.22 16.71 -12.74
CA ASP A 25 32.80 16.65 -14.16
C ASP A 25 32.92 15.27 -14.81
N ARG A 26 32.35 14.26 -14.15
CA ARG A 26 32.35 12.90 -14.65
C ARG A 26 31.07 12.17 -14.22
N PRO A 27 30.34 11.59 -15.18
CA PRO A 27 29.06 10.94 -14.88
C PRO A 27 29.26 9.62 -14.15
N VAL A 28 28.20 9.17 -13.47
CA VAL A 28 28.13 7.80 -13.00
C VAL A 28 27.70 6.92 -14.17
N THR A 29 28.49 5.90 -14.48
CA THR A 29 28.08 4.95 -15.49
C THR A 29 27.25 3.86 -14.85
N VAL A 30 26.06 3.63 -15.37
CA VAL A 30 25.30 2.46 -14.96
C VAL A 30 25.01 1.51 -16.10
N TYR A 31 25.26 0.23 -15.82
CA TYR A 31 25.11 -0.81 -16.80
C TYR A 31 23.75 -1.47 -16.58
N PHE A 32 23.07 -1.81 -17.68
CA PHE A 32 21.66 -2.20 -17.62
C PHE A 32 21.35 -3.28 -18.63
N SER A 33 20.56 -4.26 -18.22
N SER A 33 20.60 -4.28 -18.20
CA SER A 33 20.14 -5.34 -19.11
CA SER A 33 20.14 -5.34 -19.11
C SER A 33 18.83 -5.99 -18.64
C SER A 33 18.83 -5.98 -18.64
N LEU A 34 17.96 -6.30 -19.60
CA LEU A 34 16.71 -6.97 -19.30
C LEU A 34 16.78 -8.40 -19.79
N SER A 35 16.41 -9.35 -18.92
CA SER A 35 16.21 -10.72 -19.34
C SER A 35 14.72 -11.06 -19.21
N LEU A 36 14.12 -11.46 -20.32
CA LEU A 36 12.70 -11.78 -20.35
C LEU A 36 12.46 -13.17 -19.79
N LEU A 37 11.52 -13.29 -18.86
CA LEU A 37 11.23 -14.57 -18.25
C LEU A 37 9.91 -15.13 -18.75
N GLN A 38 8.89 -14.29 -18.78
CA GLN A 38 7.59 -14.72 -19.28
C GLN A 38 6.73 -13.57 -19.75
N ILE A 39 6.09 -13.77 -20.90
CA ILE A 39 4.99 -12.93 -21.32
C ILE A 39 3.72 -13.53 -20.72
N MET A 40 3.23 -12.89 -19.67
CA MET A 40 2.11 -13.42 -18.90
C MET A 40 0.83 -13.40 -19.70
N ASP A 41 0.57 -12.31 -20.41
CA ASP A 41 -0.69 -12.10 -21.10
C ASP A 41 -0.59 -10.90 -22.05
N VAL A 42 -1.54 -10.81 -22.97
CA VAL A 42 -1.68 -9.62 -23.82
C VAL A 42 -3.13 -9.19 -23.80
N ASP A 43 -3.37 -7.90 -23.93
CA ASP A 43 -4.74 -7.38 -24.07
C ASP A 43 -4.87 -6.81 -25.48
N GLU A 44 -5.58 -7.53 -26.35
CA GLU A 44 -5.75 -7.12 -27.73
C GLU A 44 -6.72 -5.96 -27.93
N LYS A 45 -7.63 -5.77 -26.99
CA LYS A 45 -8.56 -4.64 -27.07
C LYS A 45 -7.86 -3.35 -26.68
N ASN A 46 -7.15 -3.39 -25.55
CA ASN A 46 -6.57 -2.19 -24.97
C ASN A 46 -5.09 -1.96 -25.30
N GLN A 47 -4.49 -2.91 -26.01
CA GLN A 47 -3.11 -2.78 -26.51
C GLN A 47 -2.09 -2.73 -25.37
N VAL A 48 -1.96 -3.84 -24.66
CA VAL A 48 -1.14 -3.95 -23.46
C VAL A 48 -0.49 -5.33 -23.41
N VAL A 49 0.76 -5.38 -22.96
CA VAL A 49 1.41 -6.66 -22.74
C VAL A 49 1.84 -6.73 -21.28
N ASP A 50 1.67 -7.91 -20.69
CA ASP A 50 2.00 -8.12 -19.28
C ASP A 50 3.25 -9.00 -19.24
N VAL A 51 4.34 -8.47 -18.68
N VAL A 51 4.31 -8.48 -18.61
CA VAL A 51 5.60 -9.21 -18.71
CA VAL A 51 5.64 -9.09 -18.72
C VAL A 51 6.24 -9.35 -17.34
C VAL A 51 6.36 -9.28 -17.38
N VAL A 52 6.97 -10.44 -17.18
CA VAL A 52 7.81 -10.69 -16.02
C VAL A 52 9.25 -10.77 -16.50
N PHE A 53 10.11 -9.94 -15.93
CA PHE A 53 11.51 -9.86 -16.38
C PHE A 53 12.50 -9.61 -15.24
N TRP A 54 13.76 -9.84 -15.56
CA TRP A 54 14.87 -9.66 -14.64
C TRP A 54 15.69 -8.45 -15.10
N LEU A 55 15.84 -7.44 -14.25
CA LEU A 55 16.73 -6.32 -14.57
C LEU A 55 18.11 -6.46 -13.91
N GLN A 56 19.18 -6.40 -14.71
CA GLN A 56 20.52 -6.36 -14.14
C GLN A 56 21.01 -4.91 -14.20
N MET A 57 21.22 -4.32 -13.03
CA MET A 57 21.73 -2.96 -12.95
C MET A 57 22.99 -2.94 -12.11
N SER A 58 24.01 -2.22 -12.58
CA SER A 58 25.23 -2.07 -11.82
C SER A 58 25.96 -0.76 -12.09
N TRP A 59 26.64 -0.26 -11.06
CA TRP A 59 27.34 1.01 -11.15
C TRP A 59 28.36 1.11 -10.02
N THR A 60 29.19 2.15 -10.07
CA THR A 60 30.14 2.39 -9.00
C THR A 60 29.77 3.64 -8.23
N ASP A 61 29.66 3.49 -6.93
CA ASP A 61 29.44 4.60 -6.02
C ASP A 61 30.74 4.79 -5.26
N HIS A 62 31.46 5.87 -5.55
CA HIS A 62 32.76 6.12 -4.92
C HIS A 62 32.64 6.37 -3.43
N TYR A 63 31.45 6.80 -3.00
CA TYR A 63 31.20 7.02 -1.58
C TYR A 63 31.09 5.72 -0.80
N LEU A 64 30.97 4.62 -1.53
CA LEU A 64 30.69 3.33 -0.89
C LEU A 64 31.88 2.39 -0.89
N GLN A 65 33.05 2.88 -1.28
CA GLN A 65 34.23 2.05 -1.19
C GLN A 65 34.70 2.00 0.26
N TRP A 66 35.45 0.98 0.64
CA TRP A 66 36.02 0.95 1.97
C TRP A 66 37.42 0.37 2.00
N ASN A 67 38.24 0.91 2.90
CA ASN A 67 39.57 0.39 3.10
C ASN A 67 39.46 -1.07 3.56
N VAL A 68 40.00 -1.97 2.75
CA VAL A 68 39.87 -3.39 3.01
C VAL A 68 40.64 -3.78 4.26
N SER A 69 41.64 -2.98 4.60
CA SER A 69 42.44 -3.21 5.80
C SER A 69 41.57 -3.06 7.05
N GLU A 70 40.76 -1.99 7.08
CA GLU A 70 39.95 -1.67 8.24
C GLU A 70 38.89 -2.71 8.56
N TYR A 71 38.49 -3.51 7.57
CA TYR A 71 37.47 -4.54 7.78
C TYR A 71 37.88 -5.86 7.13
N PRO A 72 38.73 -6.63 7.83
CA PRO A 72 39.42 -7.86 7.39
C PRO A 72 38.65 -8.78 6.44
N GLY A 73 37.66 -9.50 6.94
CA GLY A 73 37.04 -10.54 6.14
C GLY A 73 35.76 -10.13 5.42
N VAL A 74 35.69 -8.87 5.00
CA VAL A 74 34.49 -8.36 4.34
C VAL A 74 34.72 -8.15 2.84
N LYS A 75 34.21 -9.08 2.03
CA LYS A 75 34.28 -8.93 0.57
C LYS A 75 33.15 -8.05 0.06
N GLN A 76 31.92 -8.52 0.26
CA GLN A 76 30.76 -7.80 -0.23
C GLN A 76 29.68 -7.82 0.83
N VAL A 77 28.86 -6.78 0.83
CA VAL A 77 27.71 -6.75 1.73
C VAL A 77 26.41 -6.60 0.96
N SER A 78 25.36 -7.14 1.56
CA SER A 78 24.03 -7.13 0.99
C SER A 78 23.27 -6.01 1.73
N VAL A 79 22.79 -5.03 0.98
CA VAL A 79 22.35 -3.77 1.57
C VAL A 79 20.97 -3.43 1.05
N PRO A 80 20.08 -2.92 1.92
CA PRO A 80 18.74 -2.49 1.45
C PRO A 80 18.89 -1.31 0.49
N ILE A 81 18.23 -1.38 -0.67
CA ILE A 81 18.40 -0.33 -1.68
C ILE A 81 17.97 1.03 -1.14
N SER A 82 17.09 1.03 -0.15
CA SER A 82 16.66 2.28 0.47
C SER A 82 17.81 3.01 1.19
N SER A 83 18.89 2.31 1.47
CA SER A 83 20.05 2.94 2.10
C SER A 83 21.08 3.48 1.09
N LEU A 84 20.93 3.09 -0.17
CA LEU A 84 21.86 3.46 -1.23
C LEU A 84 21.26 4.40 -2.25
N TRP A 85 22.13 5.17 -2.90
CA TRP A 85 21.66 5.86 -4.08
C TRP A 85 21.44 4.78 -5.11
N VAL A 86 20.31 4.84 -5.79
CA VAL A 86 20.08 3.95 -6.92
C VAL A 86 19.52 4.77 -8.09
N PRO A 87 19.84 4.35 -9.33
CA PRO A 87 19.40 5.10 -10.51
C PRO A 87 17.87 5.21 -10.56
N ASP A 88 17.37 6.38 -10.93
CA ASP A 88 15.94 6.61 -11.04
C ASP A 88 15.44 6.18 -12.42
N LEU A 89 15.66 4.91 -12.78
N LEU A 89 15.66 4.91 -12.76
CA LEU A 89 15.27 4.42 -14.09
CA LEU A 89 15.26 4.39 -14.07
C LEU A 89 13.77 4.19 -14.19
C LEU A 89 13.75 4.20 -14.17
N ALA A 90 13.14 4.88 -15.13
CA ALA A 90 11.71 4.73 -15.38
C ALA A 90 11.43 3.93 -16.64
N ALA A 91 10.37 3.14 -16.61
CA ALA A 91 9.90 2.51 -17.83
C ALA A 91 9.05 3.54 -18.55
N TYR A 92 9.54 4.04 -19.69
CA TYR A 92 8.83 5.11 -20.42
C TYR A 92 7.40 4.76 -20.83
N ASN A 93 7.19 3.53 -21.28
CA ASN A 93 5.86 3.16 -21.80
C ASN A 93 5.12 2.13 -20.94
N ALA A 94 5.50 2.08 -19.66
CA ALA A 94 4.74 1.30 -18.69
C ALA A 94 3.37 1.95 -18.50
N ILE A 95 2.35 1.13 -18.30
CA ILE A 95 1.03 1.67 -18.03
C ILE A 95 0.55 1.24 -16.64
N SER A 96 1.44 0.58 -15.90
CA SER A 96 1.20 0.23 -14.50
C SER A 96 2.50 0.37 -13.70
N LYS A 97 2.39 0.55 -12.39
CA LYS A 97 3.56 0.59 -11.50
C LYS A 97 4.27 -0.75 -11.53
N PRO A 98 5.59 -0.72 -11.43
CA PRO A 98 6.34 -1.97 -11.43
C PRO A 98 6.04 -2.76 -10.16
N GLU A 99 5.82 -4.06 -10.32
CA GLU A 99 5.66 -4.93 -9.18
C GLU A 99 6.98 -5.70 -8.95
N VAL A 100 7.73 -5.31 -7.91
CA VAL A 100 9.01 -5.94 -7.59
C VAL A 100 8.81 -7.25 -6.83
N LEU A 101 9.37 -8.32 -7.38
CA LEU A 101 9.05 -9.66 -6.89
C LEU A 101 10.08 -10.19 -5.89
N THR A 102 11.25 -9.59 -5.88
CA THR A 102 12.38 -10.10 -5.10
C THR A 102 12.74 -9.18 -3.92
N PRO A 103 13.54 -9.69 -2.96
CA PRO A 103 14.04 -8.81 -1.89
C PRO A 103 14.79 -7.60 -2.44
N GLN A 104 14.47 -6.45 -1.86
CA GLN A 104 15.04 -5.20 -2.35
C GLN A 104 16.42 -4.97 -1.76
N LEU A 105 17.36 -5.85 -2.11
CA LEU A 105 18.73 -5.75 -1.62
C LEU A 105 19.66 -5.61 -2.80
N ALA A 106 20.75 -4.87 -2.62
CA ALA A 106 21.81 -4.80 -3.63
C ALA A 106 23.14 -5.28 -3.02
N LEU A 107 24.05 -5.75 -3.87
CA LEU A 107 25.40 -6.13 -3.41
C LEU A 107 26.35 -5.00 -3.64
N VAL A 108 27.18 -4.71 -2.64
CA VAL A 108 28.18 -3.68 -2.73
C VAL A 108 29.50 -4.30 -2.30
N ASN A 109 30.57 -4.13 -3.09
CA ASN A 109 31.89 -4.56 -2.65
C ASN A 109 32.82 -3.41 -2.31
N SER A 110 34.09 -3.73 -2.05
CA SER A 110 35.01 -2.75 -1.45
C SER A 110 35.41 -1.62 -2.39
N SER A 111 35.24 -1.82 -3.69
CA SER A 111 35.49 -0.76 -4.67
C SER A 111 34.28 0.15 -4.79
N GLY A 112 33.19 -0.24 -4.14
CA GLY A 112 31.98 0.55 -4.22
C GLY A 112 31.19 0.21 -5.46
N HIS A 113 31.44 -0.98 -6.02
CA HIS A 113 30.60 -1.46 -7.11
C HIS A 113 29.29 -2.03 -6.55
N VAL A 114 28.18 -1.53 -7.08
CA VAL A 114 26.86 -1.96 -6.63
C VAL A 114 26.20 -2.81 -7.69
N GLN A 115 25.60 -3.94 -7.28
CA GLN A 115 24.82 -4.75 -8.19
C GLN A 115 23.42 -4.93 -7.67
N TYR A 116 22.45 -4.51 -8.48
CA TYR A 116 21.04 -4.58 -8.12
C TYR A 116 20.29 -5.36 -9.20
N LEU A 117 19.69 -6.47 -8.80
CA LEU A 117 19.06 -7.40 -9.75
C LEU A 117 17.59 -7.71 -9.43
N PRO A 118 16.70 -6.71 -9.51
CA PRO A 118 15.29 -7.00 -9.24
C PRO A 118 14.60 -7.83 -10.32
N SER A 119 13.71 -8.72 -9.89
CA SER A 119 12.76 -9.35 -10.79
C SER A 119 11.41 -8.64 -10.66
N ILE A 120 10.76 -8.42 -11.79
CA ILE A 120 9.67 -7.46 -11.88
C ILE A 120 8.53 -7.93 -12.78
N ARG A 121 7.31 -7.76 -12.33
CA ARG A 121 6.16 -7.87 -13.21
C ARG A 121 5.64 -6.48 -13.52
N GLN A 122 5.49 -6.19 -14.81
CA GLN A 122 4.97 -4.91 -15.26
C GLN A 122 4.18 -5.04 -16.57
N ARG A 123 3.27 -4.08 -16.77
CA ARG A 123 2.45 -4.00 -17.98
C ARG A 123 2.83 -2.78 -18.79
N PHE A 124 2.96 -2.97 -20.10
CA PHE A 124 3.42 -1.91 -21.00
C PHE A 124 2.44 -1.70 -22.13
N SER A 125 2.41 -0.49 -22.65
CA SER A 125 1.66 -0.20 -23.86
C SER A 125 2.37 -0.89 -25.02
N CYS A 126 1.60 -1.60 -25.84
CA CYS A 126 2.19 -2.31 -26.96
C CYS A 126 1.15 -2.64 -28.01
N ASP A 127 1.51 -2.47 -29.29
CA ASP A 127 0.66 -2.96 -30.37
C ASP A 127 0.77 -4.47 -30.45
N VAL A 128 -0.27 -5.17 -30.01
CA VAL A 128 -0.23 -6.62 -29.99
C VAL A 128 -1.14 -7.21 -31.05
N SER A 129 -1.61 -6.37 -31.97
CA SER A 129 -2.53 -6.79 -33.01
C SER A 129 -1.98 -7.92 -33.88
N GLY A 130 -0.65 -7.99 -34.01
CA GLY A 130 -0.04 -9.00 -34.85
C GLY A 130 0.29 -10.31 -34.16
N VAL A 131 -0.17 -10.48 -32.92
CA VAL A 131 0.30 -11.60 -32.11
C VAL A 131 -0.10 -12.98 -32.67
N ASP A 132 -1.20 -13.01 -33.44
CA ASP A 132 -1.69 -14.27 -34.01
C ASP A 132 -1.19 -14.56 -35.42
N THR A 133 -0.22 -13.79 -35.88
CA THR A 133 0.29 -13.92 -37.24
C THR A 133 1.69 -14.49 -37.21
N GLU A 134 2.12 -15.03 -38.34
CA GLU A 134 3.46 -15.57 -38.50
C GLU A 134 4.56 -14.54 -38.18
N SER A 135 4.31 -13.27 -38.49
CA SER A 135 5.30 -12.23 -38.22
C SER A 135 5.31 -11.82 -36.76
N GLY A 136 4.16 -11.98 -36.10
CA GLY A 136 4.06 -11.79 -34.66
C GLY A 136 3.95 -10.36 -34.19
N ALA A 137 3.76 -10.18 -32.89
CA ALA A 137 3.67 -8.85 -32.31
C ALA A 137 5.04 -8.39 -31.82
N THR A 138 5.30 -7.10 -31.91
CA THR A 138 6.57 -6.52 -31.49
C THR A 138 6.33 -5.45 -30.42
N CYS A 139 6.93 -5.62 -29.26
CA CYS A 139 6.74 -4.68 -28.17
C CYS A 139 8.08 -4.12 -27.72
N LYS A 140 8.15 -2.80 -27.64
CA LYS A 140 9.34 -2.15 -27.13
C LYS A 140 9.22 -1.88 -25.63
N LEU A 141 10.24 -2.29 -24.88
CA LEU A 141 10.35 -1.94 -23.48
C LEU A 141 11.48 -0.89 -23.31
N LYS A 142 11.09 0.35 -23.08
CA LYS A 142 12.02 1.47 -23.03
C LYS A 142 12.28 1.98 -21.62
N PHE A 143 13.55 2.02 -21.24
CA PHE A 143 13.97 2.38 -19.88
C PHE A 143 15.02 3.50 -19.90
N GLY A 144 14.89 4.44 -18.99
CA GLY A 144 15.86 5.53 -18.89
C GLY A 144 15.72 6.32 -17.61
N SER A 145 16.75 7.05 -17.23
CA SER A 145 16.67 7.92 -16.06
C SER A 145 15.60 9.00 -16.28
N TRP A 146 14.82 9.29 -15.24
CA TRP A 146 13.74 10.26 -15.39
C TRP A 146 14.24 11.70 -15.22
N THR A 147 15.30 11.88 -14.44
CA THR A 147 15.77 13.22 -14.05
C THR A 147 17.25 13.50 -14.29
N HIS A 148 18.02 12.51 -14.71
CA HIS A 148 19.47 12.74 -14.93
C HIS A 148 19.90 12.65 -16.39
N HIS A 149 20.43 13.73 -16.92
CA HIS A 149 20.97 13.68 -18.28
C HIS A 149 22.22 12.80 -18.39
N SER A 150 22.73 12.64 -19.61
CA SER A 150 23.78 11.65 -19.86
C SER A 150 25.12 12.06 -19.30
N ARG A 151 25.31 13.35 -19.09
CA ARG A 151 26.56 13.82 -18.48
C ARG A 151 26.58 13.71 -16.95
N GLU A 152 25.48 13.24 -16.36
CA GLU A 152 25.36 12.95 -14.93
C GLU A 152 25.24 11.44 -14.73
N LEU A 153 24.34 10.84 -15.49
CA LEU A 153 24.13 9.41 -15.44
C LEU A 153 24.33 8.85 -16.85
N ASP A 154 25.45 8.16 -17.05
CA ASP A 154 25.73 7.57 -18.34
C ASP A 154 25.20 6.14 -18.40
N LEU A 155 23.99 5.99 -18.93
CA LEU A 155 23.38 4.69 -19.06
C LEU A 155 23.99 3.93 -20.24
N GLN A 156 24.47 2.72 -19.97
CA GLN A 156 25.05 1.84 -21.00
C GLN A 156 24.38 0.49 -20.92
N MET A 157 24.40 -0.27 -22.01
CA MET A 157 23.71 -1.55 -22.00
C MET A 157 24.63 -2.76 -22.00
N GLN A 158 24.19 -3.82 -21.33
CA GLN A 158 24.83 -5.12 -21.40
C GLN A 158 23.99 -6.01 -22.30
N GLU A 159 24.59 -7.09 -22.77
CA GLU A 159 23.86 -8.05 -23.60
C GLU A 159 22.75 -8.68 -22.79
N ALA A 160 21.59 -8.83 -23.42
CA ALA A 160 20.42 -9.41 -22.79
C ALA A 160 20.53 -10.92 -22.58
N ASP A 161 19.42 -11.53 -22.18
CA ASP A 161 19.38 -12.96 -21.97
C ASP A 161 17.97 -13.47 -22.20
N ILE A 162 17.83 -14.52 -23.00
CA ILE A 162 16.53 -15.14 -23.23
C ILE A 162 16.55 -16.62 -22.88
N SER A 163 17.62 -17.06 -22.24
CA SER A 163 17.73 -18.44 -21.81
C SER A 163 16.83 -18.69 -20.60
N GLY A 164 16.51 -17.62 -19.89
CA GLY A 164 15.62 -17.71 -18.74
C GLY A 164 14.16 -17.73 -19.14
N TYR A 165 13.88 -17.60 -20.43
CA TYR A 165 12.50 -17.58 -20.92
C TYR A 165 11.80 -18.93 -20.77
N ILE A 166 10.62 -18.88 -20.16
CA ILE A 166 9.78 -20.05 -19.93
C ILE A 166 9.43 -20.74 -21.25
N PRO A 167 9.72 -22.04 -21.32
CA PRO A 167 9.45 -22.83 -22.54
C PRO A 167 7.97 -23.21 -22.70
N TYR A 168 7.16 -23.07 -21.67
CA TYR A 168 5.82 -23.66 -21.72
C TYR A 168 4.66 -22.66 -21.85
N SER A 169 4.96 -21.41 -22.20
CA SER A 169 3.89 -20.43 -22.41
C SER A 169 3.26 -20.63 -23.78
N ARG A 170 2.18 -19.90 -24.05
CA ARG A 170 1.52 -19.98 -25.34
C ARG A 170 2.22 -19.11 -26.39
N PHE A 171 3.22 -18.36 -25.96
CA PHE A 171 3.95 -17.49 -26.88
C PHE A 171 5.34 -18.03 -27.17
N GLU A 172 5.66 -18.24 -28.45
CA GLU A 172 7.04 -18.51 -28.83
C GLU A 172 7.72 -17.20 -29.20
N LEU A 173 9.01 -17.10 -28.85
CA LEU A 173 9.80 -15.92 -29.19
C LEU A 173 10.24 -15.94 -30.65
N VAL A 174 10.03 -14.84 -31.35
CA VAL A 174 10.47 -14.73 -32.74
C VAL A 174 11.83 -14.03 -32.81
N GLY A 175 11.93 -12.87 -32.18
CA GLY A 175 13.17 -12.13 -32.13
C GLY A 175 13.30 -11.22 -30.91
N VAL A 176 14.51 -11.08 -30.40
N VAL A 176 14.53 -11.05 -30.43
CA VAL A 176 14.78 -10.12 -29.35
CA VAL A 176 14.83 -10.19 -29.29
C VAL A 176 15.94 -9.23 -29.74
C VAL A 176 16.01 -9.28 -29.62
N THR A 177 15.94 -8.02 -29.22
CA THR A 177 17.06 -7.10 -29.41
C THR A 177 17.04 -5.98 -28.39
N GLN A 178 18.19 -5.35 -28.20
CA GLN A 178 18.33 -4.29 -27.23
C GLN A 178 19.25 -3.23 -27.81
N LYS A 179 18.96 -1.96 -27.56
CA LYS A 179 19.81 -0.90 -28.08
C LYS A 179 19.85 0.33 -27.18
N ARG A 180 21.00 1.00 -27.18
CA ARG A 180 21.15 2.22 -26.39
C ARG A 180 20.80 3.36 -27.31
N SER A 181 20.10 4.37 -26.77
CA SER A 181 19.76 5.54 -27.56
C SER A 181 20.00 6.78 -26.74
N GLU A 182 20.02 7.92 -27.41
CA GLU A 182 20.25 9.19 -26.75
C GLU A 182 19.75 10.29 -27.64
N ARG A 183 19.03 11.24 -27.06
CA ARG A 183 18.49 12.35 -27.84
C ARG A 183 18.48 13.61 -27.01
N PHE A 184 18.49 14.75 -27.68
CA PHE A 184 18.20 16.01 -27.04
C PHE A 184 16.68 16.22 -27.09
N TYR A 185 16.09 16.64 -25.98
CA TYR A 185 14.70 17.08 -25.93
C TYR A 185 14.67 18.59 -26.07
N GLU A 186 13.65 19.09 -26.77
CA GLU A 186 13.47 20.52 -27.00
C GLU A 186 13.59 21.35 -25.70
N CYS A 187 13.09 20.77 -24.61
CA CYS A 187 13.04 21.44 -23.33
C CYS A 187 14.42 21.72 -22.75
N CYS A 188 15.25 20.68 -22.71
CA CYS A 188 16.46 20.68 -21.90
C CYS A 188 17.75 20.90 -22.69
N LYS A 189 18.78 21.36 -22.00
CA LYS A 189 20.05 21.69 -22.63
C LYS A 189 20.94 20.46 -22.88
N GLU A 190 20.86 19.48 -21.97
N GLU A 190 20.83 19.47 -21.99
CA GLU A 190 21.66 18.27 -22.08
CA GLU A 190 21.65 18.27 -22.07
C GLU A 190 20.87 17.12 -22.71
C GLU A 190 20.86 17.14 -22.73
N PRO A 191 21.56 16.19 -23.38
CA PRO A 191 20.86 15.06 -24.01
C PRO A 191 20.54 13.99 -22.97
N TYR A 192 19.65 13.06 -23.30
CA TYR A 192 19.27 12.01 -22.36
C TYR A 192 19.35 10.64 -23.02
N PRO A 193 19.87 9.65 -22.28
CA PRO A 193 19.99 8.32 -22.91
C PRO A 193 18.93 7.35 -22.43
N ASP A 194 18.66 6.32 -23.20
CA ASP A 194 17.73 5.28 -22.76
C ASP A 194 18.21 3.96 -23.34
N VAL A 195 17.74 2.85 -22.79
CA VAL A 195 17.96 1.54 -23.38
C VAL A 195 16.61 0.91 -23.68
N THR A 196 16.44 0.41 -24.91
CA THR A 196 15.15 -0.15 -25.30
C THR A 196 15.26 -1.65 -25.61
N PHE A 197 14.49 -2.45 -24.86
CA PHE A 197 14.46 -3.88 -25.11
C PHE A 197 13.26 -4.18 -26.01
N THR A 198 13.48 -4.97 -27.05
CA THR A 198 12.43 -5.26 -28.03
C THR A 198 12.14 -6.74 -28.19
N VAL A 199 10.88 -7.15 -28.01
CA VAL A 199 10.46 -8.53 -28.29
C VAL A 199 9.48 -8.70 -29.42
N THR A 200 9.63 -9.81 -30.12
CA THR A 200 8.69 -10.20 -31.14
C THR A 200 8.28 -11.61 -30.78
N PHE A 201 6.99 -11.83 -30.65
CA PHE A 201 6.49 -13.09 -30.15
C PHE A 201 5.17 -13.40 -30.82
N ARG A 202 4.75 -14.66 -30.77
CA ARG A 202 3.51 -15.06 -31.41
C ARG A 202 2.91 -16.27 -30.71
N LYS A 203 1.60 -16.45 -30.87
CA LYS A 203 0.93 -17.57 -30.25
C LYS A 203 1.41 -18.84 -30.91
N LYS A 204 1.46 -19.93 -30.14
CA LYS A 204 1.88 -21.22 -30.66
C LYS A 204 0.69 -21.95 -31.28
N GLY A 205 0.92 -23.20 -31.70
CA GLY A 205 -0.14 -24.03 -32.24
C GLY A 205 -0.43 -23.75 -33.69
N GLY B 1 28.46 15.71 -6.75
CA GLY B 1 29.69 16.30 -6.25
C GLY B 1 29.71 16.39 -4.73
N GLU B 2 30.85 16.80 -4.19
CA GLU B 2 31.01 16.90 -2.73
C GLU B 2 30.47 18.21 -2.14
N PHE B 3 29.51 18.80 -2.84
CA PHE B 3 28.82 19.99 -2.34
C PHE B 3 27.31 19.74 -2.38
N GLN B 4 26.90 18.76 -3.18
CA GLN B 4 25.51 18.34 -3.21
C GLN B 4 25.11 17.93 -1.80
N ARG B 5 26.03 17.23 -1.13
CA ARG B 5 25.78 16.71 0.20
C ARG B 5 25.51 17.84 1.19
N LYS B 6 26.25 18.94 1.06
CA LYS B 6 26.02 20.10 1.91
C LYS B 6 24.72 20.74 1.49
N LEU B 7 24.52 20.83 0.18
CA LEU B 7 23.27 21.37 -0.36
C LEU B 7 22.06 20.62 0.17
N TYR B 8 22.08 19.28 0.13
CA TYR B 8 20.96 18.51 0.66
C TYR B 8 20.79 18.66 2.17
N LYS B 9 21.90 18.76 2.88
CA LYS B 9 21.87 18.91 4.34
C LYS B 9 21.18 20.21 4.75
N GLU B 10 21.41 21.27 3.97
CA GLU B 10 20.71 22.52 4.18
C GLU B 10 19.19 22.38 4.03
N LEU B 11 18.77 21.52 3.10
CA LEU B 11 17.34 21.30 2.88
C LEU B 11 16.67 20.82 4.17
N VAL B 12 17.28 19.86 4.84
CA VAL B 12 16.70 19.29 6.06
C VAL B 12 16.65 20.29 7.22
N LYS B 13 17.71 21.07 7.37
CA LYS B 13 17.88 21.95 8.52
C LYS B 13 16.88 23.12 8.55
N ASN B 14 16.52 23.64 7.38
CA ASN B 14 15.81 24.90 7.32
C ASN B 14 14.49 24.89 6.58
N TYR B 15 14.30 23.90 5.72
CA TYR B 15 13.21 23.93 4.77
C TYR B 15 12.00 23.12 5.23
N ASN B 16 10.80 23.66 4.98
CA ASN B 16 9.56 22.97 5.32
C ASN B 16 8.70 22.73 4.08
N PRO B 17 8.59 21.47 3.68
CA PRO B 17 7.85 21.12 2.46
C PRO B 17 6.32 21.34 2.55
N ASP B 18 5.77 21.63 3.73
CA ASP B 18 4.33 21.94 3.81
C ASP B 18 4.05 23.43 3.56
N VAL B 19 5.10 24.26 3.58
CA VAL B 19 4.94 25.70 3.42
C VAL B 19 4.92 26.13 1.96
N ILE B 20 3.86 26.79 1.52
CA ILE B 20 3.78 27.27 0.14
C ILE B 20 4.67 28.51 -0.02
N PRO B 21 5.61 28.47 -0.96
CA PRO B 21 6.63 29.53 -1.05
C PRO B 21 6.11 30.83 -1.69
N THR B 22 5.09 31.44 -1.11
CA THR B 22 4.58 32.71 -1.59
C THR B 22 5.43 33.87 -1.05
N GLN B 23 5.30 35.03 -1.67
CA GLN B 23 6.04 36.22 -1.24
C GLN B 23 5.13 37.40 -0.94
N ARG B 24 5.71 38.60 -1.01
CA ARG B 24 4.99 39.83 -0.71
C ARG B 24 3.71 39.91 -1.54
N ASP B 25 2.63 39.38 -0.97
CA ASP B 25 1.34 39.23 -1.65
C ASP B 25 1.37 38.52 -3.00
N ARG B 26 2.55 38.05 -3.41
CA ARG B 26 2.70 37.37 -4.68
C ARG B 26 2.38 35.89 -4.55
N PRO B 27 1.45 35.40 -5.37
CA PRO B 27 1.21 33.97 -5.37
C PRO B 27 2.33 33.25 -6.11
N VAL B 28 2.51 31.99 -5.78
CA VAL B 28 3.42 31.12 -6.52
C VAL B 28 2.75 30.80 -7.84
N THR B 29 3.40 31.15 -8.95
CA THR B 29 2.84 30.77 -10.24
C THR B 29 3.30 29.37 -10.56
N VAL B 30 2.37 28.49 -10.90
CA VAL B 30 2.80 27.19 -11.38
C VAL B 30 2.29 26.95 -12.80
N TYR B 31 3.22 26.60 -13.67
CA TYR B 31 2.92 26.37 -15.07
C TYR B 31 2.49 24.92 -15.21
N PHE B 32 1.41 24.71 -15.97
CA PHE B 32 0.79 23.40 -15.97
C PHE B 32 0.46 22.99 -17.37
N SER B 33 0.68 21.71 -17.69
CA SER B 33 0.19 21.15 -18.95
C SER B 33 0.03 19.63 -18.84
N LEU B 34 -0.85 19.07 -19.67
CA LEU B 34 -1.13 17.64 -19.69
C LEU B 34 -0.91 17.10 -21.09
N SER B 35 -0.19 16.00 -21.18
CA SER B 35 0.01 15.31 -22.45
C SER B 35 -0.63 13.95 -22.40
N LEU B 36 -1.58 13.72 -23.29
CA LEU B 36 -2.31 12.47 -23.33
C LEU B 36 -1.51 11.42 -24.08
N LEU B 37 -1.35 10.26 -23.45
CA LEU B 37 -0.48 9.21 -23.95
C LEU B 37 -1.29 8.04 -24.48
N GLN B 38 -2.30 7.65 -23.73
CA GLN B 38 -3.14 6.55 -24.14
C GLN B 38 -4.49 6.54 -23.44
N ILE B 39 -5.55 6.34 -24.21
CA ILE B 39 -6.86 6.04 -23.61
C ILE B 39 -6.92 4.54 -23.41
N MET B 40 -6.82 4.11 -22.16
CA MET B 40 -6.72 2.67 -21.87
C MET B 40 -8.02 1.96 -22.17
N ASP B 41 -9.11 2.46 -21.61
CA ASP B 41 -10.40 1.78 -21.76
C ASP B 41 -11.51 2.78 -21.55
N VAL B 42 -12.71 2.40 -21.95
CA VAL B 42 -13.92 3.10 -21.54
C VAL B 42 -14.88 2.11 -20.85
N ASP B 43 -15.64 2.60 -19.89
CA ASP B 43 -16.75 1.82 -19.35
C ASP B 43 -18.05 2.53 -19.71
N GLU B 44 -18.73 2.03 -20.74
CA GLU B 44 -19.96 2.67 -21.21
C GLU B 44 -21.12 2.45 -20.25
N LYS B 45 -21.02 1.44 -19.40
CA LYS B 45 -22.06 1.18 -18.41
C LYS B 45 -21.93 2.10 -17.21
N ASN B 46 -20.71 2.39 -16.78
CA ASN B 46 -20.47 3.17 -15.57
C ASN B 46 -20.01 4.61 -15.83
N GLN B 47 -19.83 4.96 -17.10
CA GLN B 47 -19.43 6.31 -17.50
C GLN B 47 -18.09 6.71 -16.92
N VAL B 48 -17.05 6.03 -17.40
CA VAL B 48 -15.70 6.20 -16.87
C VAL B 48 -14.75 6.11 -18.06
N VAL B 49 -13.67 6.89 -18.03
CA VAL B 49 -12.60 6.75 -18.98
C VAL B 49 -11.29 6.53 -18.23
N ASP B 50 -10.45 5.66 -18.77
CA ASP B 50 -9.22 5.27 -18.12
C ASP B 50 -8.05 5.84 -18.95
N VAL B 51 -7.30 6.80 -18.39
CA VAL B 51 -6.23 7.41 -19.20
C VAL B 51 -4.84 7.41 -18.56
N VAL B 52 -3.83 7.27 -19.41
CA VAL B 52 -2.45 7.51 -19.03
C VAL B 52 -2.06 8.84 -19.64
N PHE B 53 -1.52 9.73 -18.82
CA PHE B 53 -1.13 11.06 -19.28
C PHE B 53 0.12 11.54 -18.56
N TRP B 54 0.82 12.49 -19.19
CA TRP B 54 2.02 13.06 -18.62
C TRP B 54 1.74 14.50 -18.19
N LEU B 55 1.94 14.79 -16.91
CA LEU B 55 1.78 16.15 -16.41
C LEU B 55 3.12 16.88 -16.36
N GLN B 56 3.11 18.14 -16.79
CA GLN B 56 4.27 18.97 -16.57
C GLN B 56 3.93 20.13 -15.64
N MET B 57 4.58 20.17 -14.49
CA MET B 57 4.41 21.25 -13.53
C MET B 57 5.75 21.93 -13.26
N SER B 58 5.75 23.25 -13.30
CA SER B 58 6.93 24.01 -12.91
C SER B 58 6.53 25.26 -12.14
N TRP B 59 7.42 25.67 -11.24
CA TRP B 59 7.21 26.83 -10.41
C TRP B 59 8.56 27.22 -9.85
N THR B 60 8.65 28.44 -9.33
CA THR B 60 9.84 28.90 -8.67
C THR B 60 9.62 28.89 -7.17
N ASP B 61 10.50 28.24 -6.44
CA ASP B 61 10.45 28.23 -4.98
C ASP B 61 11.60 29.08 -4.47
N HIS B 62 11.29 30.27 -3.98
CA HIS B 62 12.32 31.23 -3.60
C HIS B 62 13.18 30.75 -2.45
N TYR B 63 12.72 29.74 -1.72
CA TYR B 63 13.53 29.18 -0.63
C TYR B 63 14.55 28.16 -1.13
N LEU B 64 14.44 27.77 -2.39
CA LEU B 64 15.29 26.72 -2.93
C LEU B 64 16.39 27.23 -3.83
N GLN B 65 16.58 28.55 -3.84
CA GLN B 65 17.72 29.09 -4.56
C GLN B 65 18.98 28.99 -3.70
N TRP B 66 20.13 28.94 -4.37
CA TRP B 66 21.41 28.91 -3.69
C TRP B 66 22.43 29.69 -4.53
N ASN B 67 23.41 30.29 -3.87
CA ASN B 67 24.49 30.96 -4.61
C ASN B 67 25.40 29.91 -5.22
N VAL B 68 25.62 30.00 -6.54
CA VAL B 68 26.48 29.06 -7.24
C VAL B 68 27.92 29.16 -6.74
N SER B 69 28.24 30.30 -6.12
CA SER B 69 29.56 30.48 -5.52
C SER B 69 29.81 29.42 -4.46
N GLU B 70 28.92 29.37 -3.47
CA GLU B 70 29.10 28.49 -2.31
C GLU B 70 28.90 27.01 -2.64
N TYR B 71 28.44 26.75 -3.87
CA TYR B 71 28.30 25.39 -4.36
C TYR B 71 28.72 25.32 -5.82
N PRO B 72 30.04 25.45 -6.08
CA PRO B 72 30.69 25.66 -7.38
C PRO B 72 30.06 24.95 -8.58
N GLY B 73 30.12 23.63 -8.62
CA GLY B 73 29.71 22.89 -9.81
C GLY B 73 28.28 22.36 -9.79
N VAL B 74 27.41 22.97 -8.99
CA VAL B 74 26.04 22.49 -8.88
C VAL B 74 25.06 23.33 -9.68
N LYS B 75 24.70 22.85 -10.87
CA LYS B 75 23.74 23.54 -11.73
C LYS B 75 22.33 23.27 -11.27
N GLN B 76 22.07 22.02 -10.89
CA GLN B 76 20.73 21.56 -10.58
C GLN B 76 20.79 20.20 -9.87
N VAL B 77 19.71 19.85 -9.18
CA VAL B 77 19.69 18.60 -8.43
C VAL B 77 18.34 17.91 -8.50
N SER B 78 18.39 16.61 -8.29
CA SER B 78 17.19 15.79 -8.34
C SER B 78 16.74 15.47 -6.91
N VAL B 79 15.54 15.89 -6.57
CA VAL B 79 15.06 15.82 -5.18
C VAL B 79 13.76 15.03 -5.04
N PRO B 80 13.70 14.13 -4.05
CA PRO B 80 12.43 13.45 -3.73
C PRO B 80 11.35 14.48 -3.45
N ILE B 81 10.17 14.34 -4.06
CA ILE B 81 9.12 15.34 -3.87
C ILE B 81 8.65 15.48 -2.42
N SER B 82 8.85 14.42 -1.65
CA SER B 82 8.59 14.45 -0.22
C SER B 82 9.48 15.48 0.52
N SER B 83 10.59 15.89 -0.08
CA SER B 83 11.42 16.91 0.55
C SER B 83 11.06 18.33 0.13
N LEU B 84 10.16 18.45 -0.86
CA LEU B 84 9.84 19.74 -1.45
C LEU B 84 8.40 20.15 -1.20
N TRP B 85 8.14 21.44 -1.19
CA TRP B 85 6.77 21.86 -1.37
C TRP B 85 6.44 21.55 -2.80
N VAL B 86 5.30 20.88 -3.01
CA VAL B 86 4.74 20.70 -4.36
C VAL B 86 3.25 21.09 -4.40
N PRO B 87 2.79 21.59 -5.56
CA PRO B 87 1.38 21.97 -5.71
C PRO B 87 0.42 20.82 -5.40
N ASP B 88 -0.65 21.09 -4.64
CA ASP B 88 -1.65 20.05 -4.34
C ASP B 88 -2.73 19.98 -5.44
N LEU B 89 -2.30 19.80 -6.69
CA LEU B 89 -3.25 19.69 -7.80
C LEU B 89 -4.04 18.41 -7.68
N ALA B 90 -5.35 18.56 -7.79
CA ALA B 90 -6.25 17.42 -7.78
C ALA B 90 -7.01 17.35 -9.10
N ALA B 91 -7.30 16.13 -9.53
CA ALA B 91 -8.22 15.90 -10.61
C ALA B 91 -9.62 15.92 -10.03
N TYR B 92 -10.32 17.02 -10.23
CA TYR B 92 -11.65 17.21 -9.66
C TYR B 92 -12.59 16.04 -9.91
N ASN B 93 -12.61 15.54 -11.14
CA ASN B 93 -13.60 14.54 -11.53
C ASN B 93 -13.05 13.12 -11.70
N ALA B 94 -11.91 12.87 -11.07
CA ALA B 94 -11.39 11.51 -10.97
C ALA B 94 -12.33 10.66 -10.13
N ILE B 95 -12.35 9.37 -10.41
CA ILE B 95 -13.11 8.44 -9.58
C ILE B 95 -12.17 7.31 -9.12
N SER B 96 -10.89 7.47 -9.40
CA SER B 96 -9.88 6.62 -8.76
C SER B 96 -8.69 7.46 -8.35
N LYS B 97 -7.90 6.88 -7.44
CA LYS B 97 -6.62 7.44 -7.02
C LYS B 97 -5.66 7.48 -8.19
N PRO B 98 -4.86 8.53 -8.28
CA PRO B 98 -3.85 8.58 -9.35
C PRO B 98 -2.73 7.56 -9.10
N GLU B 99 -2.42 6.79 -10.12
CA GLU B 99 -1.31 5.85 -10.07
C GLU B 99 -0.11 6.53 -10.75
N VAL B 100 0.83 7.01 -9.94
CA VAL B 100 2.05 7.65 -10.46
C VAL B 100 3.00 6.58 -10.97
N LEU B 101 3.38 6.66 -12.24
CA LEU B 101 4.10 5.56 -12.87
C LEU B 101 5.60 5.71 -12.78
N THR B 102 6.05 6.94 -12.59
CA THR B 102 7.45 7.31 -12.69
C THR B 102 8.06 7.66 -11.32
N PRO B 103 9.39 7.64 -11.19
CA PRO B 103 9.99 8.01 -9.90
C PRO B 103 9.51 9.38 -9.39
N GLN B 104 9.27 9.51 -8.10
CA GLN B 104 8.74 10.76 -7.58
C GLN B 104 9.85 11.74 -7.15
N LEU B 105 10.47 12.31 -8.18
CA LEU B 105 11.59 13.24 -8.05
C LEU B 105 11.31 14.48 -8.87
N ALA B 106 11.70 15.64 -8.36
CA ALA B 106 11.63 16.86 -9.16
C ALA B 106 13.04 17.39 -9.39
N LEU B 107 13.20 18.15 -10.46
CA LEU B 107 14.46 18.84 -10.71
C LEU B 107 14.38 20.25 -10.15
N VAL B 108 15.43 20.67 -9.46
CA VAL B 108 15.51 22.01 -8.89
C VAL B 108 16.82 22.69 -9.37
N ASN B 109 16.73 23.95 -9.80
CA ASN B 109 17.96 24.66 -10.19
C ASN B 109 18.37 25.77 -9.23
N SER B 110 19.52 26.37 -9.51
N SER B 110 19.52 26.37 -9.52
CA SER B 110 20.14 27.36 -8.63
CA SER B 110 20.15 27.38 -8.66
C SER B 110 19.25 28.56 -8.29
C SER B 110 19.24 28.55 -8.28
N SER B 111 18.28 28.85 -9.15
CA SER B 111 17.39 29.99 -8.92
C SER B 111 16.06 29.57 -8.30
N GLY B 112 16.00 28.34 -7.80
CA GLY B 112 14.81 27.84 -7.13
C GLY B 112 13.68 27.42 -8.06
N HIS B 113 13.96 27.35 -9.36
CA HIS B 113 12.94 26.86 -10.29
C HIS B 113 12.86 25.32 -10.25
N VAL B 114 11.66 24.82 -9.98
CA VAL B 114 11.43 23.40 -9.77
C VAL B 114 10.62 22.82 -10.93
N GLN B 115 10.97 21.62 -11.36
CA GLN B 115 10.25 20.96 -12.42
C GLN B 115 9.85 19.56 -11.96
N TYR B 116 8.55 19.30 -11.94
CA TYR B 116 8.02 17.98 -11.60
C TYR B 116 7.16 17.46 -12.76
N LEU B 117 7.50 16.27 -13.25
CA LEU B 117 6.96 15.76 -14.52
C LEU B 117 6.49 14.31 -14.47
N PRO B 118 5.49 14.01 -13.61
CA PRO B 118 5.06 12.61 -13.44
C PRO B 118 4.23 12.05 -14.60
N SER B 119 4.41 10.76 -14.85
CA SER B 119 3.50 10.03 -15.72
C SER B 119 2.43 9.34 -14.86
N ILE B 120 1.16 9.47 -15.24
CA ILE B 120 0.06 9.08 -14.35
C ILE B 120 -1.04 8.29 -15.03
N ARG B 121 -1.50 7.25 -14.36
CA ARG B 121 -2.68 6.55 -14.82
C ARG B 121 -3.82 6.83 -13.85
N GLN B 122 -4.98 7.22 -14.37
CA GLN B 122 -6.14 7.51 -13.51
C GLN B 122 -7.46 7.38 -14.27
N ARG B 123 -8.51 7.06 -13.53
CA ARG B 123 -9.83 6.91 -14.13
C ARG B 123 -10.69 8.12 -13.81
N PHE B 124 -11.40 8.61 -14.81
CA PHE B 124 -12.23 9.80 -14.65
C PHE B 124 -13.67 9.52 -15.03
N SER B 125 -14.57 10.22 -14.36
CA SER B 125 -15.97 10.25 -14.72
C SER B 125 -16.12 10.95 -16.05
N CYS B 126 -16.89 10.36 -16.96
CA CYS B 126 -17.06 10.90 -18.30
C CYS B 126 -18.22 10.27 -19.06
N ASP B 127 -18.98 11.09 -19.78
CA ASP B 127 -20.04 10.57 -20.63
C ASP B 127 -19.37 10.02 -21.87
N VAL B 128 -19.14 8.71 -21.89
CA VAL B 128 -18.49 8.10 -23.04
C VAL B 128 -19.50 7.49 -24.01
N SER B 129 -20.78 7.81 -23.85
CA SER B 129 -21.84 7.15 -24.62
C SER B 129 -21.79 7.36 -26.14
N GLY B 130 -21.20 8.45 -26.59
CA GLY B 130 -21.06 8.68 -28.02
C GLY B 130 -19.78 8.14 -28.65
N VAL B 131 -19.04 7.32 -27.90
CA VAL B 131 -17.72 6.87 -28.33
C VAL B 131 -17.69 6.17 -29.70
N ASP B 132 -18.75 5.45 -30.04
CA ASP B 132 -18.74 4.68 -31.27
C ASP B 132 -19.40 5.48 -32.40
N THR B 133 -19.66 6.76 -32.15
CA THR B 133 -20.29 7.61 -33.16
C THR B 133 -19.26 8.47 -33.89
N GLU B 134 -19.73 9.15 -34.93
CA GLU B 134 -18.90 10.05 -35.70
C GLU B 134 -18.50 11.23 -34.82
N SER B 135 -19.45 11.71 -34.03
CA SER B 135 -19.20 12.82 -33.11
C SER B 135 -18.19 12.43 -32.04
N GLY B 136 -18.27 11.18 -31.57
CA GLY B 136 -17.35 10.68 -30.57
C GLY B 136 -17.74 11.05 -29.15
N ALA B 137 -16.92 10.64 -28.20
CA ALA B 137 -17.12 11.00 -26.81
C ALA B 137 -16.22 12.18 -26.46
N THR B 138 -16.71 13.06 -25.60
CA THR B 138 -15.86 14.12 -25.10
C THR B 138 -15.69 14.02 -23.59
N CYS B 139 -14.44 14.07 -23.14
CA CYS B 139 -14.14 13.98 -21.72
C CYS B 139 -13.37 15.20 -21.25
N LYS B 140 -13.75 15.70 -20.09
CA LYS B 140 -13.03 16.80 -19.48
C LYS B 140 -12.17 16.32 -18.31
N LEU B 141 -10.89 16.60 -18.40
CA LEU B 141 -9.96 16.25 -17.35
C LEU B 141 -9.67 17.57 -16.64
N LYS B 142 -10.27 17.74 -15.46
CA LYS B 142 -10.19 19.02 -14.76
C LYS B 142 -9.22 19.01 -13.57
N PHE B 143 -8.27 19.95 -13.56
CA PHE B 143 -7.24 19.99 -12.51
C PHE B 143 -7.11 21.33 -11.82
N GLY B 144 -6.99 21.29 -10.49
CA GLY B 144 -6.74 22.52 -9.74
C GLY B 144 -6.20 22.28 -8.34
N SER B 145 -5.72 23.36 -7.72
CA SER B 145 -5.23 23.27 -6.35
C SER B 145 -6.39 22.92 -5.44
N TRP B 146 -6.18 21.96 -4.55
CA TRP B 146 -7.29 21.55 -3.71
C TRP B 146 -7.46 22.50 -2.53
N THR B 147 -6.38 23.14 -2.08
CA THR B 147 -6.46 24.00 -0.90
C THR B 147 -5.92 25.44 -1.07
N HIS B 148 -5.46 25.81 -2.26
CA HIS B 148 -4.91 27.16 -2.44
C HIS B 148 -5.65 27.97 -3.48
N HIS B 149 -6.20 29.12 -3.06
CA HIS B 149 -6.93 29.95 -4.01
C HIS B 149 -5.99 30.76 -4.92
N SER B 150 -6.57 31.51 -5.85
CA SER B 150 -5.81 32.14 -6.92
C SER B 150 -4.79 33.17 -6.45
N ARG B 151 -4.95 33.67 -5.23
CA ARG B 151 -4.02 34.66 -4.70
C ARG B 151 -2.85 34.00 -3.95
N GLU B 152 -2.90 32.67 -3.78
CA GLU B 152 -1.81 31.91 -3.16
C GLU B 152 -1.07 31.10 -4.22
N LEU B 153 -1.83 30.54 -5.16
CA LEU B 153 -1.26 29.67 -6.17
C LEU B 153 -1.93 30.04 -7.49
N ASP B 154 -1.13 30.66 -8.35
CA ASP B 154 -1.55 31.14 -9.65
C ASP B 154 -1.27 30.05 -10.68
N LEU B 155 -2.29 29.29 -11.04
CA LEU B 155 -2.13 28.19 -11.99
C LEU B 155 -2.25 28.72 -13.40
N GLN B 156 -1.23 28.48 -14.21
CA GLN B 156 -1.20 29.01 -15.57
C GLN B 156 -0.86 27.86 -16.48
N MET B 157 -1.38 27.89 -17.71
CA MET B 157 -1.08 26.77 -18.59
C MET B 157 0.04 27.07 -19.57
N GLN B 158 0.59 26.01 -20.15
CA GLN B 158 1.56 26.11 -21.24
C GLN B 158 1.04 25.27 -22.38
N GLU B 159 1.79 25.23 -23.47
CA GLU B 159 1.35 24.55 -24.69
C GLU B 159 1.10 23.05 -24.48
N ALA B 160 0.03 22.55 -25.11
CA ALA B 160 -0.35 21.15 -25.00
C ALA B 160 0.28 20.33 -26.13
N ASP B 161 0.52 19.05 -25.87
CA ASP B 161 1.13 18.20 -26.87
C ASP B 161 0.39 16.87 -27.07
N ILE B 162 0.13 16.54 -28.34
CA ILE B 162 -0.44 15.24 -28.66
C ILE B 162 0.49 14.37 -29.48
N SER B 163 1.70 14.87 -29.73
CA SER B 163 2.71 14.08 -30.44
C SER B 163 2.97 12.77 -29.70
N GLY B 164 2.84 12.81 -28.37
CA GLY B 164 3.12 11.65 -27.54
C GLY B 164 2.01 10.63 -27.48
N TYR B 165 0.94 10.85 -28.24
CA TYR B 165 -0.20 9.95 -28.19
C TYR B 165 0.03 8.68 -29.02
N ILE B 166 -0.25 7.54 -28.40
CA ILE B 166 -0.10 6.24 -29.06
C ILE B 166 -0.96 6.06 -30.33
N PRO B 167 -0.32 5.75 -31.47
CA PRO B 167 -1.00 5.61 -32.77
C PRO B 167 -1.73 4.29 -32.98
N TYR B 168 -1.48 3.29 -32.15
CA TYR B 168 -2.04 1.95 -32.40
C TYR B 168 -3.20 1.64 -31.46
N SER B 169 -3.71 2.69 -30.83
CA SER B 169 -4.85 2.59 -29.93
C SER B 169 -6.14 2.31 -30.69
N ARG B 170 -7.13 1.69 -30.04
CA ARG B 170 -8.40 1.43 -30.71
C ARG B 170 -9.19 2.72 -30.77
N PHE B 171 -8.72 3.72 -30.04
CA PHE B 171 -9.37 5.01 -30.03
C PHE B 171 -8.62 6.04 -30.88
N GLU B 172 -9.36 6.64 -31.81
CA GLU B 172 -8.85 7.71 -32.63
C GLU B 172 -9.05 9.05 -31.94
N LEU B 173 -7.98 9.83 -31.85
CA LEU B 173 -8.05 11.18 -31.34
C LEU B 173 -8.66 12.11 -32.37
N VAL B 174 -9.47 13.05 -31.91
CA VAL B 174 -10.08 14.00 -32.81
C VAL B 174 -9.62 15.38 -32.43
N GLY B 175 -9.84 15.73 -31.17
CA GLY B 175 -9.53 17.06 -30.68
C GLY B 175 -9.08 17.12 -29.24
N VAL B 176 -8.15 18.03 -28.97
N VAL B 176 -8.15 18.04 -28.97
CA VAL B 176 -7.72 18.30 -27.61
CA VAL B 176 -7.69 18.29 -27.62
C VAL B 176 -7.59 19.80 -27.43
C VAL B 176 -7.52 19.79 -27.39
N THR B 177 -8.21 20.31 -26.39
CA THR B 177 -8.15 21.72 -26.10
C THR B 177 -7.93 21.87 -24.61
N GLN B 178 -7.36 22.99 -24.22
CA GLN B 178 -7.13 23.26 -22.82
C GLN B 178 -7.56 24.68 -22.57
N LYS B 179 -8.07 24.94 -21.38
CA LYS B 179 -8.34 26.31 -20.98
C LYS B 179 -8.20 26.47 -19.49
N ARG B 180 -7.97 27.70 -19.08
CA ARG B 180 -7.85 28.04 -17.69
C ARG B 180 -9.08 28.79 -17.28
N SER B 181 -9.71 28.31 -16.22
CA SER B 181 -10.87 28.99 -15.67
C SER B 181 -10.68 29.29 -14.19
N GLU B 182 -11.37 30.34 -13.75
CA GLU B 182 -11.34 30.74 -12.35
C GLU B 182 -12.78 30.67 -11.85
N ARG B 183 -13.05 29.83 -10.85
CA ARG B 183 -14.43 29.70 -10.38
C ARG B 183 -14.66 29.59 -8.86
N PHE B 184 -15.90 29.80 -8.46
CA PHE B 184 -16.25 29.93 -7.03
C PHE B 184 -16.92 28.68 -6.47
N TYR B 185 -16.67 28.41 -5.18
CA TYR B 185 -17.24 27.25 -4.51
C TYR B 185 -17.83 27.60 -3.16
N GLU B 186 -18.77 26.78 -2.70
CA GLU B 186 -19.59 27.11 -1.53
C GLU B 186 -18.78 27.31 -0.26
N CYS B 187 -17.66 26.60 -0.18
CA CYS B 187 -16.82 26.62 1.00
C CYS B 187 -16.15 27.97 1.16
N CYS B 188 -15.88 28.62 0.04
CA CYS B 188 -14.85 29.66 0.04
C CYS B 188 -15.22 30.94 -0.65
N LYS B 189 -14.59 32.01 -0.17
CA LYS B 189 -14.84 33.33 -0.68
C LYS B 189 -14.07 33.53 -1.99
N GLU B 190 -12.83 33.09 -1.99
CA GLU B 190 -11.92 33.40 -3.09
C GLU B 190 -12.08 32.39 -4.22
N PRO B 191 -11.76 32.81 -5.46
CA PRO B 191 -11.87 31.91 -6.60
C PRO B 191 -10.72 30.91 -6.61
N TYR B 192 -10.98 29.71 -7.12
CA TYR B 192 -9.91 28.72 -7.32
C TYR B 192 -9.76 28.46 -8.82
N PRO B 193 -8.56 28.71 -9.35
CA PRO B 193 -8.42 28.49 -10.80
C PRO B 193 -8.33 27.01 -11.11
N ASP B 194 -8.65 26.64 -12.34
CA ASP B 194 -8.40 25.28 -12.78
C ASP B 194 -7.94 25.30 -14.21
N VAL B 195 -7.30 24.21 -14.61
CA VAL B 195 -7.01 24.00 -16.00
C VAL B 195 -7.74 22.73 -16.37
N THR B 196 -8.55 22.84 -17.42
CA THR B 196 -9.31 21.71 -17.89
C THR B 196 -8.83 21.31 -19.26
N PHE B 197 -8.57 20.02 -19.42
N PHE B 197 -8.69 20.00 -19.42
CA PHE B 197 -8.25 19.53 -20.74
CA PHE B 197 -8.24 19.37 -20.64
C PHE B 197 -9.45 18.78 -21.28
C PHE B 197 -9.45 18.69 -21.31
N THR B 198 -9.86 19.16 -22.48
CA THR B 198 -11.01 18.56 -23.13
C THR B 198 -10.56 17.63 -24.26
N VAL B 199 -10.85 16.33 -24.10
CA VAL B 199 -10.51 15.33 -25.11
C VAL B 199 -11.73 14.81 -25.84
N THR B 200 -11.70 14.88 -27.17
CA THR B 200 -12.75 14.25 -27.99
C THR B 200 -12.17 13.07 -28.76
N PHE B 201 -12.76 11.89 -28.58
CA PHE B 201 -12.22 10.69 -29.21
C PHE B 201 -13.33 9.74 -29.64
N ARG B 202 -12.99 8.76 -30.46
CA ARG B 202 -13.96 7.82 -31.01
C ARG B 202 -13.26 6.55 -31.46
N LYS B 203 -14.04 5.49 -31.63
CA LYS B 203 -13.47 4.22 -32.08
C LYS B 203 -13.16 4.27 -33.55
N LYS B 204 -12.25 3.42 -33.98
CA LYS B 204 -11.90 3.31 -35.39
C LYS B 204 -12.69 2.18 -36.02
N GLY B 205 -12.61 2.06 -37.35
CA GLY B 205 -13.33 1.02 -38.07
C GLY B 205 -14.71 1.47 -38.53
N GLY C 1 5.32 32.31 3.06
CA GLY C 1 5.91 33.47 3.70
C GLY C 1 6.93 33.09 4.76
N GLU C 2 7.84 34.01 5.08
CA GLU C 2 8.87 33.74 6.09
C GLU C 2 8.27 33.75 7.49
N PHE C 3 7.32 34.66 7.71
CA PHE C 3 6.60 34.70 8.97
C PHE C 3 5.52 33.64 8.97
N GLN C 4 5.38 32.94 7.86
CA GLN C 4 4.46 31.81 7.75
C GLN C 4 5.21 30.53 8.06
N ARG C 5 6.53 30.59 7.94
CA ARG C 5 7.37 29.41 8.14
C ARG C 5 7.51 29.02 9.61
N LYS C 6 7.49 30.02 10.49
CA LYS C 6 7.60 29.77 11.93
C LYS C 6 6.32 29.15 12.48
N LEU C 7 5.19 29.53 11.90
CA LEU C 7 3.89 29.03 12.32
C LEU C 7 3.88 27.51 12.29
N TYR C 8 4.32 26.93 11.18
CA TYR C 8 4.33 25.47 11.06
C TYR C 8 5.27 24.85 12.08
N LYS C 9 6.32 25.60 12.44
CA LYS C 9 7.34 25.09 13.36
C LYS C 9 6.73 24.75 14.72
N GLU C 10 5.82 25.59 15.20
CA GLU C 10 5.11 25.32 16.44
C GLU C 10 4.29 24.01 16.42
N LEU C 11 3.81 23.62 15.24
CA LEU C 11 3.02 22.41 15.10
C LEU C 11 3.76 21.19 15.64
N VAL C 12 4.98 20.97 15.16
CA VAL C 12 5.74 19.78 15.55
C VAL C 12 6.01 19.64 17.06
N LYS C 13 6.72 20.59 17.64
CA LYS C 13 7.20 20.50 19.03
C LYS C 13 6.08 20.32 20.06
N ASN C 14 4.94 20.96 19.81
CA ASN C 14 3.87 21.07 20.80
C ASN C 14 2.71 20.09 20.60
N TYR C 15 2.22 20.04 19.37
CA TYR C 15 0.91 19.50 19.06
C TYR C 15 0.92 17.97 18.85
N ASN C 16 -0.10 17.31 19.37
CA ASN C 16 -0.27 15.87 19.19
C ASN C 16 -1.59 15.55 18.48
N PRO C 17 -1.50 15.03 17.25
CA PRO C 17 -2.68 14.70 16.43
C PRO C 17 -3.52 13.54 16.97
N ASP C 18 -3.03 12.86 18.00
CA ASP C 18 -3.80 11.78 18.62
C ASP C 18 -4.77 12.30 19.67
N VAL C 19 -4.62 13.57 20.05
CA VAL C 19 -5.38 14.15 21.15
C VAL C 19 -6.57 14.98 20.65
N ILE C 20 -7.79 14.57 21.00
CA ILE C 20 -8.97 15.34 20.61
C ILE C 20 -9.01 16.68 21.36
N PRO C 21 -9.10 17.79 20.63
CA PRO C 21 -8.92 19.09 21.30
C PRO C 21 -10.17 19.56 22.01
N THR C 22 -10.58 18.82 23.04
CA THR C 22 -11.68 19.27 23.86
C THR C 22 -11.18 20.38 24.77
N GLN C 23 -11.99 21.42 24.94
CA GLN C 23 -11.62 22.48 25.86
C GLN C 23 -11.96 22.02 27.28
N ARG C 24 -12.48 22.94 28.07
CA ARG C 24 -12.81 22.63 29.46
C ARG C 24 -14.19 22.01 29.50
N ASP C 25 -14.23 20.68 29.49
CA ASP C 25 -15.45 19.88 29.39
C ASP C 25 -16.44 20.31 28.29
N ARG C 26 -15.95 20.99 27.27
CA ARG C 26 -16.76 21.31 26.11
C ARG C 26 -16.35 20.42 24.94
N PRO C 27 -17.33 19.78 24.30
CA PRO C 27 -16.95 18.90 23.20
C PRO C 27 -16.39 19.68 22.03
N VAL C 28 -15.71 18.99 21.15
CA VAL C 28 -15.37 19.52 19.85
C VAL C 28 -16.57 19.32 18.94
N THR C 29 -17.06 20.41 18.37
CA THR C 29 -18.17 20.31 17.44
C THR C 29 -17.67 20.17 16.01
N VAL C 30 -18.01 19.06 15.37
CA VAL C 30 -17.71 18.93 13.94
C VAL C 30 -18.97 18.97 13.08
N TYR C 31 -18.97 19.91 12.15
CA TYR C 31 -20.04 20.06 11.19
C TYR C 31 -19.73 19.18 10.00
N PHE C 32 -20.74 18.45 9.55
CA PHE C 32 -20.51 17.34 8.66
C PHE C 32 -21.61 17.31 7.60
N SER C 33 -21.21 17.10 6.35
N SER C 33 -21.21 17.10 6.35
CA SER C 33 -22.17 16.96 5.25
CA SER C 33 -22.17 16.94 5.26
C SER C 33 -21.56 16.12 4.12
C SER C 33 -21.56 16.18 4.08
N LEU C 34 -22.41 15.73 3.18
CA LEU C 34 -21.99 14.87 2.08
C LEU C 34 -22.58 15.41 0.78
N SER C 35 -21.76 15.49 -0.27
CA SER C 35 -22.27 15.79 -1.61
C SER C 35 -22.13 14.53 -2.44
N LEU C 36 -23.25 14.05 -2.94
CA LEU C 36 -23.24 12.90 -3.81
C LEU C 36 -22.79 13.30 -5.21
N LEU C 37 -21.88 12.51 -5.78
CA LEU C 37 -21.34 12.75 -7.10
C LEU C 37 -21.82 11.77 -8.14
N GLN C 38 -21.57 10.50 -7.83
CA GLN C 38 -21.84 9.46 -8.78
C GLN C 38 -22.07 8.16 -8.06
N ILE C 39 -23.10 7.45 -8.52
CA ILE C 39 -23.36 6.10 -8.10
C ILE C 39 -22.70 5.28 -9.18
N MET C 40 -21.58 4.67 -8.84
CA MET C 40 -20.70 4.05 -9.82
C MET C 40 -21.33 2.76 -10.28
N ASP C 41 -21.86 2.01 -9.32
CA ASP C 41 -22.42 0.70 -9.64
C ASP C 41 -23.27 0.21 -8.48
N VAL C 42 -24.15 -0.74 -8.76
CA VAL C 42 -24.79 -1.49 -7.68
C VAL C 42 -24.48 -2.93 -7.95
N ASP C 43 -24.48 -3.74 -6.89
CA ASP C 43 -24.39 -5.20 -7.00
C ASP C 43 -25.68 -5.84 -6.48
N GLU C 44 -26.57 -6.16 -7.40
CA GLU C 44 -27.84 -6.76 -7.08
C GLU C 44 -27.67 -8.10 -6.36
N LYS C 45 -26.62 -8.85 -6.69
CA LYS C 45 -26.45 -10.16 -6.09
C LYS C 45 -25.93 -10.10 -4.65
N ASN C 46 -25.00 -9.19 -4.39
CA ASN C 46 -24.33 -9.19 -3.10
C ASN C 46 -24.81 -8.05 -2.23
N GLN C 47 -25.79 -7.32 -2.74
CA GLN C 47 -26.40 -6.17 -2.05
C GLN C 47 -25.39 -5.09 -1.69
N VAL C 48 -24.79 -4.49 -2.73
CA VAL C 48 -23.78 -3.46 -2.54
C VAL C 48 -24.01 -2.27 -3.47
N VAL C 49 -23.75 -1.07 -2.95
CA VAL C 49 -23.77 0.11 -3.78
C VAL C 49 -22.39 0.78 -3.69
N ASP C 50 -21.89 1.23 -4.84
CA ASP C 50 -20.55 1.81 -4.96
C ASP C 50 -20.70 3.29 -5.30
N VAL C 51 -20.28 4.16 -4.39
N VAL C 51 -20.23 4.15 -4.40
CA VAL C 51 -20.50 5.59 -4.55
CA VAL C 51 -20.53 5.58 -4.44
C VAL C 51 -19.22 6.42 -4.51
C VAL C 51 -19.25 6.45 -4.41
N VAL C 52 -19.31 7.61 -5.06
CA VAL C 52 -18.25 8.61 -4.98
C VAL C 52 -18.92 9.89 -4.46
N PHE C 53 -18.32 10.49 -3.43
CA PHE C 53 -18.95 11.59 -2.72
C PHE C 53 -17.89 12.44 -2.05
N TRP C 54 -18.20 13.70 -1.83
CA TRP C 54 -17.37 14.55 -0.98
C TRP C 54 -17.96 14.64 0.38
N LEU C 55 -17.10 14.57 1.38
CA LEU C 55 -17.46 14.91 2.75
C LEU C 55 -16.96 16.32 3.05
N GLN C 56 -17.85 17.14 3.55
CA GLN C 56 -17.46 18.45 4.04
C GLN C 56 -17.42 18.31 5.56
N MET C 57 -16.25 18.51 6.13
CA MET C 57 -16.07 18.42 7.57
C MET C 57 -15.40 19.67 8.10
N SER C 58 -15.90 20.21 9.19
CA SER C 58 -15.28 21.38 9.77
C SER C 58 -15.45 21.42 11.28
N TRP C 59 -14.42 21.92 11.96
CA TRP C 59 -14.41 22.00 13.41
C TRP C 59 -13.38 23.02 13.86
N THR C 60 -13.45 23.35 15.14
CA THR C 60 -12.48 24.24 15.76
C THR C 60 -11.49 23.44 16.62
N ASP C 61 -10.21 23.68 16.39
CA ASP C 61 -9.15 23.10 17.22
C ASP C 61 -8.48 24.28 17.90
N HIS C 62 -8.74 24.44 19.20
CA HIS C 62 -8.29 25.62 19.92
C HIS C 62 -6.77 25.62 20.09
N TYR C 63 -6.16 24.45 19.87
CA TYR C 63 -4.70 24.36 19.96
C TYR C 63 -4.05 24.89 18.69
N LEU C 64 -4.88 25.26 17.72
CA LEU C 64 -4.40 25.63 16.39
C LEU C 64 -4.71 27.08 16.05
N GLN C 65 -4.91 27.90 17.08
CA GLN C 65 -5.15 29.31 16.82
C GLN C 65 -3.90 30.10 17.07
N TRP C 66 -3.78 31.24 16.40
CA TRP C 66 -2.58 32.05 16.50
C TRP C 66 -2.88 33.54 16.52
N ASN C 67 -2.00 34.27 17.20
CA ASN C 67 -2.08 35.72 17.20
C ASN C 67 -1.76 36.26 15.82
N VAL C 68 -2.76 36.79 15.14
CA VAL C 68 -2.58 37.27 13.78
C VAL C 68 -1.72 38.52 13.76
N SER C 69 -1.62 39.19 14.91
CA SER C 69 -0.74 40.32 15.09
C SER C 69 0.72 39.86 15.05
N GLU C 70 0.95 38.66 15.58
CA GLU C 70 2.30 38.10 15.67
C GLU C 70 2.77 37.50 14.35
N TYR C 71 1.82 37.09 13.52
CA TYR C 71 2.14 36.53 12.21
C TYR C 71 1.47 37.37 11.14
N PRO C 72 2.23 38.31 10.55
CA PRO C 72 1.82 39.38 9.63
C PRO C 72 0.70 39.04 8.63
N GLY C 73 1.05 38.45 7.50
CA GLY C 73 0.09 38.23 6.43
C GLY C 73 -0.41 36.81 6.28
N VAL C 74 -0.44 36.08 7.39
CA VAL C 74 -0.87 34.68 7.37
C VAL C 74 -2.30 34.53 7.88
N LYS C 75 -3.25 34.50 6.95
CA LYS C 75 -4.65 34.35 7.31
C LYS C 75 -5.03 32.88 7.51
N GLN C 76 -4.50 32.02 6.66
CA GLN C 76 -4.76 30.59 6.76
C GLN C 76 -3.60 29.77 6.23
N VAL C 77 -3.55 28.49 6.60
CA VAL C 77 -2.49 27.60 6.12
C VAL C 77 -3.06 26.24 5.73
N SER C 78 -2.36 25.59 4.80
CA SER C 78 -2.70 24.26 4.35
C SER C 78 -1.80 23.23 5.06
N VAL C 79 -2.42 22.37 5.86
CA VAL C 79 -1.69 21.40 6.68
C VAL C 79 -2.07 19.98 6.30
N PRO C 80 -1.07 19.09 6.18
CA PRO C 80 -1.33 17.65 5.99
C PRO C 80 -2.18 17.11 7.13
N ILE C 81 -3.25 16.37 6.84
CA ILE C 81 -4.11 15.85 7.90
C ILE C 81 -3.40 14.90 8.89
N SER C 82 -2.27 14.34 8.48
CA SER C 82 -1.51 13.48 9.38
C SER C 82 -0.84 14.29 10.48
N SER C 83 -0.77 15.62 10.31
CA SER C 83 -0.22 16.50 11.34
C SER C 83 -1.31 17.03 12.26
N LEU C 84 -2.56 16.74 11.93
CA LEU C 84 -3.71 17.29 12.65
C LEU C 84 -4.52 16.22 13.36
N TRP C 85 -5.14 16.58 14.48
CA TRP C 85 -6.25 15.75 14.94
C TRP C 85 -7.37 15.82 13.92
N VAL C 86 -7.89 14.67 13.52
N VAL C 86 -7.92 14.66 13.57
CA VAL C 86 -9.09 14.64 12.68
CA VAL C 86 -9.05 14.57 12.65
C VAL C 86 -10.13 13.73 13.32
C VAL C 86 -10.14 13.69 13.29
N PRO C 87 -11.42 14.04 13.09
CA PRO C 87 -12.48 13.20 13.63
C PRO C 87 -12.39 11.80 13.06
N ASP C 88 -12.52 10.79 13.92
CA ASP C 88 -12.51 9.41 13.45
C ASP C 88 -13.91 8.96 13.00
N LEU C 89 -14.52 9.70 12.08
CA LEU C 89 -15.81 9.33 11.53
C LEU C 89 -15.66 8.06 10.71
N ALA C 90 -16.56 7.12 10.94
CA ALA C 90 -16.58 5.92 10.11
C ALA C 90 -17.95 5.77 9.45
N ALA C 91 -17.95 5.20 8.25
CA ALA C 91 -19.18 4.81 7.60
C ALA C 91 -19.56 3.48 8.22
N TYR C 92 -20.65 3.46 8.99
CA TYR C 92 -21.03 2.28 9.74
C TYR C 92 -21.27 1.05 8.88
N ASN C 93 -21.91 1.25 7.74
CA ASN C 93 -22.31 0.13 6.89
C ASN C 93 -21.46 0.00 5.62
N ALA C 94 -20.21 0.45 5.70
CA ALA C 94 -19.27 0.29 4.60
C ALA C 94 -18.79 -1.17 4.52
N ILE C 95 -18.60 -1.68 3.31
CA ILE C 95 -18.01 -3.01 3.19
C ILE C 95 -16.65 -2.94 2.52
N SER C 96 -16.15 -1.73 2.27
CA SER C 96 -14.79 -1.52 1.77
C SER C 96 -14.15 -0.31 2.45
N LYS C 97 -12.81 -0.27 2.46
CA LYS C 97 -12.08 0.89 2.98
C LYS C 97 -12.34 2.09 2.09
N PRO C 98 -12.40 3.28 2.68
CA PRO C 98 -12.59 4.47 1.85
C PRO C 98 -11.35 4.72 0.97
N GLU C 99 -11.55 4.97 -0.33
CA GLU C 99 -10.48 5.39 -1.23
C GLU C 99 -10.54 6.92 -1.32
N VAL C 100 -9.62 7.60 -0.63
CA VAL C 100 -9.55 9.06 -0.68
C VAL C 100 -8.87 9.46 -1.98
N LEU C 101 -9.53 10.31 -2.76
CA LEU C 101 -9.08 10.63 -4.10
C LEU C 101 -8.31 11.95 -4.21
N THR C 102 -8.39 12.75 -3.15
CA THR C 102 -7.91 14.12 -3.18
C THR C 102 -6.69 14.30 -2.27
N PRO C 103 -5.92 15.39 -2.46
CA PRO C 103 -4.80 15.56 -1.55
C PRO C 103 -5.27 15.60 -0.10
N GLN C 104 -4.55 14.93 0.78
CA GLN C 104 -4.98 14.86 2.17
C GLN C 104 -4.47 16.03 3.01
N LEU C 105 -5.03 17.19 2.73
CA LEU C 105 -4.66 18.43 3.40
C LEU C 105 -5.92 19.11 3.90
N ALA C 106 -5.83 19.81 5.04
CA ALA C 106 -6.94 20.61 5.56
C ALA C 106 -6.54 22.07 5.63
N LEU C 107 -7.54 22.95 5.56
CA LEU C 107 -7.35 24.38 5.70
C LEU C 107 -7.56 24.76 7.14
N VAL C 108 -6.63 25.53 7.70
CA VAL C 108 -6.75 26.02 9.06
C VAL C 108 -6.60 27.54 9.10
N ASN C 109 -7.57 28.24 9.68
CA ASN C 109 -7.44 29.68 9.87
C ASN C 109 -6.99 30.00 11.30
N SER C 110 -6.71 31.27 11.57
CA SER C 110 -6.14 31.70 12.84
C SER C 110 -7.09 31.60 14.03
N SER C 111 -8.37 31.34 13.75
CA SER C 111 -9.30 31.02 14.82
C SER C 111 -9.11 29.59 15.30
N GLY C 112 -8.35 28.81 14.53
CA GLY C 112 -8.19 27.40 14.82
C GLY C 112 -9.32 26.61 14.19
N HIS C 113 -10.05 27.25 13.28
CA HIS C 113 -11.10 26.54 12.55
C HIS C 113 -10.49 25.75 11.39
N VAL C 114 -10.85 24.47 11.30
CA VAL C 114 -10.25 23.55 10.35
C VAL C 114 -11.28 23.09 9.32
N GLN C 115 -10.88 23.08 8.05
CA GLN C 115 -11.78 22.64 6.99
C GLN C 115 -11.11 21.50 6.26
N TYR C 116 -11.83 20.38 6.12
CA TYR C 116 -11.32 19.20 5.44
C TYR C 116 -12.39 18.63 4.50
N LEU C 117 -12.08 18.63 3.21
CA LEU C 117 -13.07 18.29 2.19
C LEU C 117 -12.63 17.16 1.25
N PRO C 118 -12.56 15.90 1.73
CA PRO C 118 -12.04 14.87 0.81
C PRO C 118 -13.09 14.34 -0.17
N SER C 119 -12.61 13.92 -1.34
CA SER C 119 -13.42 13.13 -2.27
C SER C 119 -13.14 11.65 -2.02
N ILE C 120 -14.20 10.87 -1.92
CA ILE C 120 -14.09 9.48 -1.48
C ILE C 120 -14.88 8.56 -2.38
N ARG C 121 -14.29 7.44 -2.74
CA ARG C 121 -15.04 6.35 -3.33
C ARG C 121 -15.13 5.25 -2.30
N GLN C 122 -16.33 4.71 -2.09
CA GLN C 122 -16.54 3.67 -1.10
C GLN C 122 -17.76 2.80 -1.41
N ARG C 123 -17.69 1.52 -1.03
CA ARG C 123 -18.77 0.59 -1.29
C ARG C 123 -19.57 0.33 -0.01
N PHE C 124 -20.89 0.33 -0.12
CA PHE C 124 -21.73 0.19 1.07
C PHE C 124 -22.71 -0.95 0.93
N SER C 125 -23.04 -1.54 2.07
CA SER C 125 -24.10 -2.52 2.16
C SER C 125 -25.43 -1.81 1.94
N CYS C 126 -26.23 -2.35 1.03
CA CYS C 126 -27.51 -1.73 0.73
C CYS C 126 -28.46 -2.70 0.03
N ASP C 127 -29.74 -2.60 0.34
CA ASP C 127 -30.74 -3.36 -0.37
C ASP C 127 -31.00 -2.66 -1.71
N VAL C 128 -30.46 -3.21 -2.79
CA VAL C 128 -30.62 -2.61 -4.10
C VAL C 128 -31.62 -3.37 -4.98
N SER C 129 -32.43 -4.22 -4.37
CA SER C 129 -33.40 -5.04 -5.10
C SER C 129 -34.50 -4.25 -5.81
N GLY C 130 -34.72 -3.01 -5.40
CA GLY C 130 -35.74 -2.19 -6.04
C GLY C 130 -35.25 -1.30 -7.17
N VAL C 131 -33.93 -1.27 -7.37
CA VAL C 131 -33.26 -0.32 -8.29
C VAL C 131 -33.91 -0.21 -9.68
N ASP C 132 -34.52 -1.30 -10.15
CA ASP C 132 -35.10 -1.34 -11.48
C ASP C 132 -36.59 -1.01 -11.48
N THR C 133 -37.13 -0.62 -10.32
CA THR C 133 -38.54 -0.31 -10.22
C THR C 133 -38.71 1.19 -10.12
N GLU C 134 -39.97 1.62 -10.19
CA GLU C 134 -40.34 3.02 -10.18
C GLU C 134 -40.05 3.68 -8.84
N SER C 135 -40.21 2.92 -7.76
CA SER C 135 -39.91 3.40 -6.41
C SER C 135 -38.40 3.35 -6.18
N GLY C 136 -37.73 2.43 -6.85
CA GLY C 136 -36.28 2.37 -6.82
C GLY C 136 -35.66 1.91 -5.52
N ALA C 137 -34.35 2.08 -5.43
CA ALA C 137 -33.59 1.63 -4.27
C ALA C 137 -33.27 2.78 -3.33
N THR C 138 -33.37 2.49 -2.04
CA THR C 138 -33.05 3.48 -1.03
C THR C 138 -31.89 3.01 -0.18
N CYS C 139 -30.77 3.72 -0.25
CA CYS C 139 -29.61 3.36 0.55
C CYS C 139 -29.33 4.37 1.65
N LYS C 140 -29.12 3.84 2.85
CA LYS C 140 -28.67 4.65 3.97
C LYS C 140 -27.14 4.62 4.11
N LEU C 141 -26.54 5.81 4.05
CA LEU C 141 -25.11 5.99 4.27
C LEU C 141 -24.95 6.63 5.64
N LYS C 142 -24.52 5.84 6.61
CA LYS C 142 -24.54 6.27 8.00
C LYS C 142 -23.12 6.49 8.55
N PHE C 143 -22.88 7.69 9.08
CA PHE C 143 -21.55 8.05 9.59
C PHE C 143 -21.58 8.53 11.05
N GLY C 144 -20.55 8.15 11.79
CA GLY C 144 -20.36 8.63 13.15
C GLY C 144 -18.94 8.36 13.62
N SER C 145 -18.57 8.95 14.75
CA SER C 145 -17.27 8.70 15.36
C SER C 145 -17.19 7.26 15.87
N TRP C 146 -16.09 6.59 15.60
CA TRP C 146 -15.93 5.20 16.02
C TRP C 146 -15.67 5.05 17.52
N THR C 147 -15.00 6.04 18.11
CA THR C 147 -14.58 5.92 19.52
C THR C 147 -14.97 7.07 20.46
N HIS C 148 -15.54 8.16 19.94
CA HIS C 148 -15.85 9.32 20.78
C HIS C 148 -17.33 9.54 20.93
N HIS C 149 -17.78 9.72 22.18
CA HIS C 149 -19.16 10.06 22.47
C HIS C 149 -19.43 11.57 22.40
N SER C 150 -20.72 11.93 22.50
CA SER C 150 -21.18 13.27 22.22
C SER C 150 -20.62 14.33 23.19
N ARG C 151 -20.27 13.94 24.40
CA ARG C 151 -19.69 14.90 25.33
C ARG C 151 -18.25 15.30 24.90
N GLU C 152 -17.65 14.50 24.01
CA GLU C 152 -16.30 14.75 23.52
C GLU C 152 -16.30 15.30 22.10
N LEU C 153 -17.07 14.64 21.25
CA LEU C 153 -17.18 15.02 19.86
C LEU C 153 -18.66 15.21 19.52
N ASP C 154 -19.07 16.47 19.40
CA ASP C 154 -20.44 16.78 19.03
C ASP C 154 -20.62 16.86 17.52
N LEU C 155 -21.26 15.85 16.96
CA LEU C 155 -21.42 15.76 15.52
C LEU C 155 -22.71 16.45 15.11
N GLN C 156 -22.58 17.48 14.28
CA GLN C 156 -23.73 18.22 13.78
C GLN C 156 -23.72 18.19 12.27
N MET C 157 -24.88 18.36 11.66
CA MET C 157 -24.96 18.29 10.20
C MET C 157 -25.25 19.61 9.52
N GLN C 158 -24.83 19.70 8.26
CA GLN C 158 -25.18 20.83 7.40
C GLN C 158 -25.89 20.31 6.17
N GLU C 159 -26.45 21.23 5.39
CA GLU C 159 -27.22 20.91 4.18
C GLU C 159 -26.46 20.03 3.19
N ALA C 160 -27.03 18.87 2.88
CA ALA C 160 -26.47 17.97 1.89
C ALA C 160 -26.59 18.60 0.50
N ASP C 161 -25.74 18.18 -0.42
CA ASP C 161 -25.74 18.76 -1.75
C ASP C 161 -25.84 17.69 -2.83
N ILE C 162 -26.60 17.99 -3.87
CA ILE C 162 -26.72 17.10 -5.00
C ILE C 162 -26.56 17.83 -6.34
N SER C 163 -26.32 19.14 -6.29
CA SER C 163 -26.13 19.93 -7.51
C SER C 163 -24.93 19.41 -8.30
N GLY C 164 -23.96 18.83 -7.58
CA GLY C 164 -22.76 18.29 -8.19
C GLY C 164 -22.98 16.88 -8.71
N TYR C 165 -24.18 16.36 -8.53
CA TYR C 165 -24.49 15.03 -9.04
C TYR C 165 -24.33 14.95 -10.57
N ILE C 166 -23.52 14.00 -11.00
CA ILE C 166 -23.35 13.68 -12.42
C ILE C 166 -24.68 13.47 -13.16
N PRO C 167 -24.93 14.23 -14.25
CA PRO C 167 -26.22 14.06 -14.92
C PRO C 167 -26.25 12.94 -15.95
N TYR C 168 -25.11 12.35 -16.30
CA TYR C 168 -25.09 11.37 -17.40
C TYR C 168 -24.97 9.92 -16.90
N SER C 169 -25.01 9.74 -15.59
CA SER C 169 -25.03 8.41 -14.99
C SER C 169 -26.21 7.57 -15.43
N ARG C 170 -26.10 6.26 -15.32
CA ARG C 170 -27.24 5.41 -15.66
C ARG C 170 -28.28 5.38 -14.55
N PHE C 171 -27.95 6.00 -13.41
CA PHE C 171 -28.89 6.05 -12.31
C PHE C 171 -29.44 7.44 -12.14
N GLU C 172 -30.76 7.52 -12.06
CA GLU C 172 -31.47 8.75 -11.73
C GLU C 172 -31.58 8.92 -10.21
N LEU C 173 -31.27 10.12 -9.74
N LEU C 173 -31.25 10.12 -9.74
CA LEU C 173 -31.32 10.42 -8.31
CA LEU C 173 -31.33 10.43 -8.32
C LEU C 173 -32.71 10.91 -7.93
C LEU C 173 -32.73 10.89 -7.98
N VAL C 174 -33.53 10.02 -7.37
CA VAL C 174 -34.90 10.39 -6.99
C VAL C 174 -34.88 11.44 -5.89
N GLY C 175 -34.27 11.09 -4.77
CA GLY C 175 -34.14 12.02 -3.67
C GLY C 175 -33.06 11.70 -2.67
N VAL C 176 -32.89 12.61 -1.72
CA VAL C 176 -31.84 12.49 -0.74
C VAL C 176 -32.23 13.23 0.54
N THR C 177 -32.25 12.51 1.65
CA THR C 177 -32.53 13.11 2.94
C THR C 177 -31.38 12.84 3.90
N GLN C 178 -31.20 13.73 4.86
CA GLN C 178 -30.14 13.58 5.84
C GLN C 178 -30.74 13.73 7.22
N LYS C 179 -30.32 12.88 8.15
CA LYS C 179 -30.76 13.09 9.51
C LYS C 179 -29.73 12.74 10.58
N ARG C 180 -29.68 13.56 11.62
CA ARG C 180 -28.82 13.34 12.76
C ARG C 180 -29.61 12.65 13.87
N SER C 181 -29.00 11.64 14.49
CA SER C 181 -29.57 11.04 15.69
C SER C 181 -28.54 11.12 16.79
N GLU C 182 -29.01 11.20 18.04
CA GLU C 182 -28.14 11.10 19.21
C GLU C 182 -28.59 9.92 20.04
N ARG C 183 -27.99 8.75 19.82
CA ARG C 183 -28.48 7.53 20.48
C ARG C 183 -27.54 6.96 21.57
N PHE C 184 -28.13 6.49 22.67
CA PHE C 184 -27.40 5.70 23.65
C PHE C 184 -27.27 4.26 23.14
N TYR C 185 -26.18 3.59 23.48
CA TYR C 185 -26.00 2.17 23.20
C TYR C 185 -26.01 1.43 24.53
N GLU C 186 -26.16 0.10 24.49
CA GLU C 186 -26.21 -0.70 25.72
C GLU C 186 -24.86 -0.79 26.42
N CYS C 187 -23.80 -0.50 25.68
CA CYS C 187 -22.42 -0.63 26.16
C CYS C 187 -22.01 0.50 27.13
N CYS C 188 -22.29 1.74 26.75
CA CYS C 188 -21.71 2.90 27.40
C CYS C 188 -22.78 3.81 27.99
N LYS C 189 -22.37 4.72 28.86
CA LYS C 189 -23.33 5.59 29.55
C LYS C 189 -23.51 6.92 28.80
N GLU C 190 -22.83 7.03 27.67
CA GLU C 190 -22.79 8.26 26.92
C GLU C 190 -23.32 8.00 25.51
N PRO C 191 -24.09 8.93 24.96
CA PRO C 191 -24.62 8.77 23.60
C PRO C 191 -23.55 8.98 22.57
N TYR C 192 -23.71 8.33 21.42
CA TYR C 192 -22.83 8.47 20.27
C TYR C 192 -23.67 8.92 19.08
N PRO C 193 -23.54 10.19 18.68
CA PRO C 193 -24.34 10.74 17.58
C PRO C 193 -23.95 10.19 16.20
N ASP C 194 -24.92 10.16 15.28
CA ASP C 194 -24.65 9.69 13.92
C ASP C 194 -25.38 10.56 12.90
N VAL C 195 -24.79 10.70 11.73
CA VAL C 195 -25.51 11.35 10.65
C VAL C 195 -25.71 10.36 9.52
N THR C 196 -26.97 10.23 9.11
CA THR C 196 -27.31 9.26 8.09
C THR C 196 -27.80 9.96 6.80
N PHE C 197 -27.25 9.55 5.66
CA PHE C 197 -27.67 10.13 4.40
C PHE C 197 -28.42 9.08 3.63
N THR C 198 -29.71 9.34 3.42
CA THR C 198 -30.59 8.41 2.75
C THR C 198 -30.74 8.80 1.27
N VAL C 199 -30.31 7.90 0.40
CA VAL C 199 -30.30 8.15 -1.04
C VAL C 199 -31.31 7.24 -1.74
N THR C 200 -32.30 7.83 -2.39
CA THR C 200 -33.20 7.04 -3.22
C THR C 200 -32.83 7.29 -4.68
N PHE C 201 -32.63 6.21 -5.43
CA PHE C 201 -32.25 6.28 -6.85
C PHE C 201 -32.77 5.06 -7.62
N ARG C 202 -32.72 5.13 -8.95
CA ARG C 202 -33.20 4.04 -9.80
C ARG C 202 -32.56 4.04 -11.18
N LYS C 203 -32.60 2.90 -11.86
CA LYS C 203 -32.05 2.80 -13.21
C LYS C 203 -32.87 3.63 -14.17
N LYS C 204 -32.20 4.38 -15.04
CA LYS C 204 -32.87 5.14 -16.07
C LYS C 204 -33.41 4.22 -17.17
N GLY C 205 -34.48 4.66 -17.82
CA GLY C 205 -35.05 3.90 -18.92
C GLY C 205 -36.11 2.92 -18.48
N GLY D 1 -8.05 17.77 26.59
CA GLY D 1 -7.61 18.39 27.81
C GLY D 1 -6.10 18.53 27.88
N GLU D 2 -5.60 19.36 28.79
CA GLU D 2 -4.15 19.57 28.90
C GLU D 2 -3.44 18.32 29.41
N PHE D 3 -4.16 17.58 30.24
CA PHE D 3 -3.65 16.33 30.78
C PHE D 3 -3.54 15.28 29.70
N GLN D 4 -4.39 15.42 28.69
CA GLN D 4 -4.45 14.45 27.61
C GLN D 4 -3.12 14.41 26.88
N ARG D 5 -2.56 15.58 26.57
CA ARG D 5 -1.23 15.63 25.96
C ARG D 5 -0.19 14.96 26.87
N LYS D 6 -0.25 15.26 28.16
CA LYS D 6 0.68 14.68 29.12
C LYS D 6 0.62 13.16 29.07
N LEU D 7 -0.60 12.63 29.06
CA LEU D 7 -0.80 11.19 29.06
C LEU D 7 -0.20 10.54 27.82
N TYR D 8 -0.52 11.05 26.64
CA TYR D 8 -0.07 10.44 25.38
C TYR D 8 1.45 10.56 25.25
N LYS D 9 2.00 11.65 25.78
CA LYS D 9 3.45 11.83 25.76
C LYS D 9 4.16 10.70 26.50
N GLU D 10 3.64 10.35 27.68
CA GLU D 10 4.16 9.22 28.46
C GLU D 10 4.12 7.95 27.65
N LEU D 11 3.12 7.81 26.81
CA LEU D 11 3.00 6.62 26.00
C LEU D 11 4.20 6.46 25.04
N VAL D 12 4.72 7.57 24.54
CA VAL D 12 5.82 7.54 23.58
C VAL D 12 7.16 7.15 24.23
N LYS D 13 7.44 7.73 25.39
CA LYS D 13 8.73 7.50 26.03
C LYS D 13 8.77 6.28 26.95
N ASN D 14 7.69 6.05 27.68
CA ASN D 14 7.69 5.12 28.80
C ASN D 14 6.84 3.88 28.57
N TYR D 15 6.89 3.30 27.36
CA TYR D 15 6.06 2.14 27.02
C TYR D 15 6.53 1.42 25.75
N ASN D 16 6.41 0.10 25.72
CA ASN D 16 6.80 -0.67 24.54
C ASN D 16 5.66 -1.57 24.04
N PRO D 17 5.15 -1.30 22.83
CA PRO D 17 4.03 -2.11 22.30
C PRO D 17 4.41 -3.54 21.87
N ASP D 18 5.71 -3.88 21.93
CA ASP D 18 6.14 -5.23 21.58
C ASP D 18 6.10 -6.19 22.75
N VAL D 19 5.97 -5.67 23.96
CA VAL D 19 6.05 -6.48 25.16
C VAL D 19 4.69 -6.93 25.64
N ILE D 20 4.47 -8.24 25.63
CA ILE D 20 3.21 -8.79 26.08
C ILE D 20 3.11 -8.52 27.58
N PRO D 21 2.01 -7.91 28.02
CA PRO D 21 1.94 -7.46 29.41
C PRO D 21 1.56 -8.57 30.39
N THR D 22 2.24 -9.72 30.30
CA THR D 22 2.07 -10.76 31.30
C THR D 22 2.53 -10.24 32.66
N GLN D 23 1.96 -10.80 33.71
CA GLN D 23 2.36 -10.46 35.07
C GLN D 23 2.66 -11.74 35.82
N ARG D 24 3.94 -11.99 36.09
CA ARG D 24 4.47 -13.17 36.79
C ARG D 24 3.47 -14.23 37.29
N ASP D 25 3.54 -15.41 36.67
CA ASP D 25 2.63 -16.53 36.94
C ASP D 25 1.19 -16.22 36.50
N ARG D 26 1.04 -15.24 35.63
CA ARG D 26 -0.28 -14.89 35.11
C ARG D 26 -0.22 -14.46 33.63
N PRO D 27 -0.94 -15.20 32.77
CA PRO D 27 -1.06 -14.83 31.35
C PRO D 27 -1.91 -13.60 31.23
N VAL D 28 -1.89 -12.95 30.06
CA VAL D 28 -2.85 -11.90 29.74
C VAL D 28 -4.11 -12.53 29.19
N THR D 29 -5.23 -12.20 29.81
CA THR D 29 -6.51 -12.70 29.37
C THR D 29 -7.06 -11.79 28.29
N VAL D 30 -7.30 -12.33 27.10
CA VAL D 30 -8.02 -11.55 26.12
C VAL D 30 -9.37 -12.14 25.77
N TYR D 31 -10.37 -11.26 25.74
CA TYR D 31 -11.73 -11.64 25.43
C TYR D 31 -11.99 -11.36 23.97
N PHE D 32 -12.65 -12.30 23.32
CA PHE D 32 -12.81 -12.30 21.87
C PHE D 32 -14.21 -12.75 21.52
N SER D 33 -14.88 -11.97 20.68
CA SER D 33 -16.11 -12.40 20.06
C SER D 33 -16.21 -11.85 18.63
N LEU D 34 -16.97 -12.54 17.79
CA LEU D 34 -17.17 -12.17 16.42
C LEU D 34 -18.67 -11.99 16.14
N SER D 35 -19.04 -10.87 15.56
CA SER D 35 -20.42 -10.66 15.11
C SER D 35 -20.42 -10.57 13.60
N LEU D 36 -21.03 -11.57 12.97
CA LEU D 36 -21.19 -11.61 11.53
C LEU D 36 -22.14 -10.52 11.02
N LEU D 37 -21.70 -9.75 10.04
CA LEU D 37 -22.53 -8.67 9.51
C LEU D 37 -23.09 -9.01 8.14
N GLN D 38 -22.26 -9.62 7.30
CA GLN D 38 -22.71 -10.00 5.98
C GLN D 38 -21.81 -11.06 5.40
N ILE D 39 -22.43 -12.10 4.81
CA ILE D 39 -21.67 -12.98 3.94
C ILE D 39 -21.68 -12.35 2.55
N MET D 40 -20.55 -11.81 2.13
CA MET D 40 -20.47 -11.04 0.90
C MET D 40 -20.59 -11.90 -0.35
N ASP D 41 -20.00 -13.09 -0.31
CA ASP D 41 -19.98 -13.96 -1.48
C ASP D 41 -19.44 -15.34 -1.15
N VAL D 42 -19.68 -16.27 -2.06
CA VAL D 42 -19.00 -17.57 -2.02
C VAL D 42 -18.41 -17.88 -3.38
N ASP D 43 -17.33 -18.67 -3.38
CA ASP D 43 -16.76 -19.17 -4.60
C ASP D 43 -16.84 -20.68 -4.50
N GLU D 44 -17.75 -21.28 -5.25
CA GLU D 44 -17.96 -22.72 -5.17
C GLU D 44 -16.88 -23.47 -5.91
N LYS D 45 -16.14 -22.77 -6.77
CA LYS D 45 -15.07 -23.40 -7.53
C LYS D 45 -13.81 -23.49 -6.68
N ASN D 46 -13.43 -22.35 -6.11
CA ASN D 46 -12.23 -22.25 -5.29
C ASN D 46 -12.42 -22.54 -3.80
N GLN D 47 -13.64 -22.81 -3.38
CA GLN D 47 -13.97 -23.07 -1.98
C GLN D 47 -13.53 -21.94 -1.05
N VAL D 48 -14.19 -20.80 -1.19
CA VAL D 48 -13.89 -19.62 -0.41
C VAL D 48 -15.21 -18.95 -0.01
N VAL D 49 -15.26 -18.41 1.20
CA VAL D 49 -16.37 -17.55 1.61
C VAL D 49 -15.80 -16.17 1.92
N ASP D 50 -16.51 -15.12 1.54
CA ASP D 50 -16.07 -13.75 1.75
C ASP D 50 -17.03 -13.16 2.79
N VAL D 51 -16.50 -12.78 3.94
N VAL D 51 -16.48 -12.70 3.91
CA VAL D 51 -17.35 -12.27 5.01
CA VAL D 51 -17.29 -12.34 5.06
C VAL D 51 -16.93 -10.91 5.55
C VAL D 51 -16.91 -10.99 5.69
N VAL D 52 -17.91 -10.19 6.06
CA VAL D 52 -17.67 -8.95 6.79
C VAL D 52 -18.13 -9.21 8.21
N PHE D 53 -17.29 -8.90 9.20
CA PHE D 53 -17.64 -9.16 10.60
C PHE D 53 -17.05 -8.12 11.53
N TRP D 54 -17.61 -8.09 12.74
CA TRP D 54 -17.21 -7.14 13.75
C TRP D 54 -16.54 -7.92 14.87
N LEU D 55 -15.27 -7.65 15.11
CA LEU D 55 -14.57 -8.28 16.22
C LEU D 55 -14.63 -7.41 17.47
N GLN D 56 -14.89 -8.04 18.60
CA GLN D 56 -14.76 -7.38 19.90
C GLN D 56 -13.61 -8.00 20.69
N MET D 57 -12.56 -7.22 20.89
CA MET D 57 -11.36 -7.67 21.60
C MET D 57 -11.06 -6.80 22.81
N SER D 58 -10.89 -7.44 23.96
CA SER D 58 -10.56 -6.68 25.15
C SER D 58 -9.59 -7.42 26.06
N TRP D 59 -8.81 -6.64 26.81
CA TRP D 59 -7.80 -7.18 27.70
C TRP D 59 -7.28 -6.07 28.59
N THR D 60 -6.65 -6.44 29.69
CA THR D 60 -6.05 -5.47 30.56
C THR D 60 -4.54 -5.46 30.34
N ASP D 61 -3.99 -4.26 30.18
CA ASP D 61 -2.54 -4.08 30.09
C ASP D 61 -2.11 -3.29 31.32
N HIS D 62 -1.51 -3.98 32.29
CA HIS D 62 -1.12 -3.34 33.54
C HIS D 62 -0.16 -2.15 33.34
N TYR D 63 0.61 -2.15 32.26
CA TYR D 63 1.47 -1.02 31.94
C TYR D 63 0.66 0.21 31.50
N LEU D 64 -0.63 0.01 31.22
CA LEU D 64 -1.44 1.08 30.66
C LEU D 64 -2.30 1.77 31.70
N GLN D 65 -2.10 1.43 32.96
CA GLN D 65 -2.86 2.12 33.98
C GLN D 65 -2.20 3.44 34.33
N TRP D 66 -3.00 4.42 34.74
CA TRP D 66 -2.48 5.70 35.17
C TRP D 66 -3.26 6.19 36.38
N ASN D 67 -2.70 7.15 37.09
CA ASN D 67 -3.34 7.69 38.29
C ASN D 67 -4.32 8.80 37.92
N VAL D 68 -5.60 8.60 38.23
CA VAL D 68 -6.64 9.59 37.95
C VAL D 68 -6.35 10.97 38.54
N SER D 69 -5.73 11.01 39.72
CA SER D 69 -5.41 12.28 40.37
C SER D 69 -4.35 13.07 39.63
N GLU D 70 -3.55 12.37 38.84
CA GLU D 70 -2.47 12.98 38.07
C GLU D 70 -2.99 13.55 36.74
N TYR D 71 -3.98 12.89 36.16
CA TYR D 71 -4.64 13.40 34.95
C TYR D 71 -6.16 13.50 35.20
N PRO D 72 -6.59 14.46 36.05
CA PRO D 72 -7.94 14.62 36.63
C PRO D 72 -9.10 14.24 35.73
N GLY D 73 -9.34 15.01 34.67
CA GLY D 73 -10.51 14.77 33.85
C GLY D 73 -10.45 13.57 32.90
N VAL D 74 -9.34 12.86 32.88
CA VAL D 74 -9.11 11.82 31.88
C VAL D 74 -9.48 10.43 32.36
N LYS D 75 -10.56 9.87 31.80
CA LYS D 75 -11.03 8.57 32.23
C LYS D 75 -10.76 7.47 31.21
N GLN D 76 -11.09 7.75 29.95
CA GLN D 76 -10.64 6.87 28.87
C GLN D 76 -10.19 7.66 27.65
N VAL D 77 -9.23 7.11 26.94
CA VAL D 77 -8.71 7.76 25.77
C VAL D 77 -8.79 6.87 24.51
N SER D 78 -8.82 7.54 23.38
CA SER D 78 -8.84 6.87 22.09
C SER D 78 -7.40 6.86 21.51
N VAL D 79 -6.86 5.65 21.32
CA VAL D 79 -5.44 5.49 20.99
C VAL D 79 -5.19 4.66 19.73
N PRO D 80 -4.31 5.13 18.83
CA PRO D 80 -3.93 4.28 17.68
C PRO D 80 -3.40 2.93 18.14
N ILE D 81 -3.89 1.83 17.56
CA ILE D 81 -3.44 0.50 18.00
C ILE D 81 -1.94 0.30 17.84
N SER D 82 -1.35 0.94 16.83
CA SER D 82 0.10 0.84 16.62
C SER D 82 0.90 1.29 17.83
N SER D 83 0.30 2.13 18.67
CA SER D 83 0.95 2.61 19.88
C SER D 83 0.82 1.62 21.05
N LEU D 84 0.04 0.57 20.84
CA LEU D 84 -0.28 -0.35 21.94
C LEU D 84 0.14 -1.78 21.65
N TRP D 85 0.40 -2.55 22.70
CA TRP D 85 0.50 -3.98 22.51
C TRP D 85 -0.87 -4.51 22.11
N VAL D 86 -0.90 -5.36 21.08
N VAL D 86 -0.90 -5.38 21.11
CA VAL D 86 -2.15 -5.99 20.68
CA VAL D 86 -2.17 -5.96 20.64
C VAL D 86 -1.93 -7.50 20.60
C VAL D 86 -1.99 -7.47 20.48
N PRO D 87 -2.95 -8.28 20.96
CA PRO D 87 -2.83 -9.74 20.81
C PRO D 87 -2.61 -10.09 19.35
N ASP D 88 -1.72 -11.04 19.08
CA ASP D 88 -1.41 -11.38 17.70
C ASP D 88 -2.38 -12.44 17.20
N LEU D 89 -3.67 -12.13 17.26
CA LEU D 89 -4.70 -13.09 16.84
C LEU D 89 -4.72 -13.31 15.35
N ALA D 90 -4.61 -14.57 14.94
CA ALA D 90 -4.60 -14.88 13.52
C ALA D 90 -5.84 -15.67 13.12
N ALA D 91 -6.34 -15.41 11.93
CA ALA D 91 -7.35 -16.27 11.34
C ALA D 91 -6.63 -17.48 10.75
N TYR D 92 -6.82 -18.65 11.36
CA TYR D 92 -6.08 -19.83 10.95
C TYR D 92 -6.30 -20.20 9.49
N ASN D 93 -7.56 -20.13 9.07
CA ASN D 93 -7.93 -20.59 7.74
C ASN D 93 -8.32 -19.45 6.78
N ALA D 94 -7.83 -18.24 7.02
CA ALA D 94 -8.04 -17.14 6.09
C ALA D 94 -7.15 -17.35 4.86
N ILE D 95 -7.63 -16.93 3.69
CA ILE D 95 -6.78 -17.00 2.49
C ILE D 95 -6.51 -15.61 1.88
N SER D 96 -6.86 -14.56 2.63
CA SER D 96 -6.51 -13.20 2.26
C SER D 96 -6.19 -12.39 3.53
N LYS D 97 -5.43 -11.31 3.37
CA LYS D 97 -5.17 -10.40 4.49
C LYS D 97 -6.48 -9.78 4.93
N PRO D 98 -6.58 -9.41 6.21
CA PRO D 98 -7.84 -8.75 6.55
C PRO D 98 -7.87 -7.31 6.04
N GLU D 99 -9.03 -6.87 5.57
CA GLU D 99 -9.24 -5.47 5.25
C GLU D 99 -10.00 -4.85 6.42
N VAL D 100 -9.31 -4.02 7.21
CA VAL D 100 -9.93 -3.34 8.35
C VAL D 100 -10.71 -2.14 7.85
N LEU D 101 -12.00 -2.10 8.17
CA LEU D 101 -12.88 -1.10 7.60
C LEU D 101 -12.97 0.18 8.42
N THR D 102 -12.63 0.09 9.70
CA THR D 102 -12.89 1.20 10.65
C THR D 102 -11.58 1.84 11.14
N PRO D 103 -11.67 3.01 11.79
CA PRO D 103 -10.43 3.61 12.34
C PRO D 103 -9.74 2.66 13.28
N GLN D 104 -8.43 2.51 13.11
CA GLN D 104 -7.62 1.61 13.91
C GLN D 104 -7.25 2.27 15.24
N LEU D 105 -8.29 2.55 16.01
CA LEU D 105 -8.22 3.19 17.31
C LEU D 105 -8.78 2.23 18.34
N ALA D 106 -8.19 2.24 19.53
CA ALA D 106 -8.71 1.48 20.66
C ALA D 106 -9.01 2.41 21.80
N LEU D 107 -9.95 1.99 22.65
CA LEU D 107 -10.24 2.66 23.90
C LEU D 107 -9.42 2.09 25.06
N VAL D 108 -8.85 2.98 25.86
CA VAL D 108 -8.05 2.55 27.00
C VAL D 108 -8.54 3.35 28.19
N ASN D 109 -8.93 2.68 29.26
CA ASN D 109 -9.19 3.42 30.50
C ASN D 109 -8.04 3.38 31.51
N SER D 110 -8.23 4.04 32.64
CA SER D 110 -7.14 4.23 33.60
C SER D 110 -6.68 2.97 34.35
N SER D 111 -7.45 1.89 34.26
CA SER D 111 -7.01 0.61 34.83
C SER D 111 -6.21 -0.17 33.80
N GLY D 112 -5.96 0.45 32.64
CA GLY D 112 -5.26 -0.20 31.56
C GLY D 112 -6.11 -1.18 30.76
N HIS D 113 -7.44 -1.11 30.88
CA HIS D 113 -8.29 -1.99 30.10
C HIS D 113 -8.44 -1.45 28.69
N VAL D 114 -8.17 -2.30 27.70
CA VAL D 114 -8.18 -1.90 26.31
C VAL D 114 -9.33 -2.59 25.56
N GLN D 115 -10.08 -1.83 24.76
CA GLN D 115 -11.07 -2.44 23.85
C GLN D 115 -10.82 -2.02 22.43
N TYR D 116 -10.73 -3.00 21.56
CA TYR D 116 -10.47 -2.79 20.15
C TYR D 116 -11.59 -3.47 19.39
N LEU D 117 -12.39 -2.69 18.68
CA LEU D 117 -13.61 -3.19 18.06
C LEU D 117 -13.58 -2.98 16.54
N PRO D 118 -12.72 -3.73 15.83
CA PRO D 118 -12.69 -3.39 14.39
C PRO D 118 -13.75 -4.13 13.59
N SER D 119 -14.27 -3.44 12.58
CA SER D 119 -15.05 -4.09 11.54
C SER D 119 -14.09 -4.55 10.42
N ILE D 120 -14.26 -5.78 9.95
CA ILE D 120 -13.28 -6.41 9.07
C ILE D 120 -13.93 -7.19 7.94
N ARG D 121 -13.32 -7.14 6.77
CA ARG D 121 -13.73 -8.01 5.67
C ARG D 121 -12.55 -8.89 5.29
N GLN D 122 -12.83 -10.18 5.15
CA GLN D 122 -11.76 -11.16 4.92
C GLN D 122 -12.29 -12.42 4.25
N ARG D 123 -11.47 -13.04 3.40
CA ARG D 123 -11.90 -14.30 2.79
C ARG D 123 -11.28 -15.52 3.46
N PHE D 124 -12.05 -16.60 3.55
CA PHE D 124 -11.62 -17.81 4.23
C PHE D 124 -11.83 -19.03 3.36
N SER D 125 -10.91 -19.98 3.46
CA SER D 125 -11.10 -21.30 2.90
C SER D 125 -12.34 -21.90 3.57
N CYS D 126 -13.27 -22.39 2.76
CA CYS D 126 -14.45 -23.10 3.27
C CYS D 126 -15.06 -24.05 2.24
N ASP D 127 -15.56 -25.20 2.68
CA ASP D 127 -16.35 -26.05 1.80
C ASP D 127 -17.75 -25.44 1.67
N VAL D 128 -18.01 -24.76 0.58
CA VAL D 128 -19.28 -24.06 0.43
C VAL D 128 -20.22 -24.78 -0.50
N SER D 129 -19.96 -26.06 -0.73
CA SER D 129 -20.70 -26.80 -1.73
C SER D 129 -22.16 -27.04 -1.37
N GLY D 130 -22.47 -27.08 -0.07
CA GLY D 130 -23.82 -27.35 0.37
C GLY D 130 -24.70 -26.10 0.43
N VAL D 131 -24.22 -25.01 -0.16
CA VAL D 131 -24.87 -23.72 0.03
C VAL D 131 -26.28 -23.60 -0.59
N ASP D 132 -26.57 -24.39 -1.61
CA ASP D 132 -27.91 -24.40 -2.22
C ASP D 132 -28.76 -25.54 -1.73
N THR D 133 -28.55 -26.00 -0.51
CA THR D 133 -29.36 -27.08 0.04
C THR D 133 -30.09 -26.57 1.26
N GLU D 134 -30.93 -27.40 1.86
CA GLU D 134 -31.65 -26.95 3.04
C GLU D 134 -30.73 -26.91 4.24
N SER D 135 -29.80 -27.86 4.30
CA SER D 135 -28.84 -27.96 5.39
C SER D 135 -27.75 -26.90 5.31
N GLY D 136 -27.59 -26.34 4.12
CA GLY D 136 -26.63 -25.28 3.90
C GLY D 136 -25.16 -25.69 3.89
N ALA D 137 -24.29 -24.69 3.85
CA ALA D 137 -22.87 -24.91 3.98
C ALA D 137 -22.38 -24.41 5.35
N THR D 138 -21.44 -25.14 5.92
CA THR D 138 -20.92 -24.84 7.25
C THR D 138 -19.50 -24.34 7.14
N CYS D 139 -19.26 -23.08 7.51
CA CYS D 139 -17.90 -22.56 7.53
C CYS D 139 -17.45 -22.32 8.95
N LYS D 140 -16.26 -22.82 9.27
CA LYS D 140 -15.66 -22.59 10.56
C LYS D 140 -14.61 -21.51 10.41
N LEU D 141 -14.73 -20.45 11.20
CA LEU D 141 -13.74 -19.39 11.25
C LEU D 141 -12.94 -19.56 12.54
N LYS D 142 -11.70 -20.00 12.39
CA LYS D 142 -10.85 -20.33 13.54
C LYS D 142 -9.80 -19.23 13.82
N PHE D 143 -9.79 -18.74 15.07
CA PHE D 143 -8.89 -17.66 15.51
C PHE D 143 -8.10 -18.04 16.75
N GLY D 144 -6.88 -17.53 16.83
CA GLY D 144 -6.02 -17.82 17.96
C GLY D 144 -4.69 -17.10 17.80
N SER D 145 -3.96 -16.97 18.89
CA SER D 145 -2.67 -16.32 18.88
C SER D 145 -1.74 -17.11 17.98
N TRP D 146 -0.98 -16.41 17.15
CA TRP D 146 -0.01 -17.08 16.28
C TRP D 146 1.26 -17.55 17.02
N THR D 147 1.65 -16.84 18.08
CA THR D 147 2.93 -17.11 18.73
C THR D 147 2.89 -17.36 20.25
N HIS D 148 1.81 -16.97 20.91
CA HIS D 148 1.72 -17.09 22.36
C HIS D 148 0.83 -18.24 22.79
N HIS D 149 1.39 -19.14 23.59
CA HIS D 149 0.61 -20.23 24.18
C HIS D 149 -0.21 -19.76 25.39
N SER D 150 -1.01 -20.69 25.91
CA SER D 150 -2.06 -20.41 26.89
C SER D 150 -1.59 -19.85 28.23
N ARG D 151 -0.35 -20.14 28.61
CA ARG D 151 0.17 -19.58 29.84
C ARG D 151 0.68 -18.15 29.68
N GLU D 152 0.75 -17.67 28.44
CA GLU D 152 1.15 -16.29 28.17
C GLU D 152 -0.06 -15.50 27.72
N LEU D 153 -0.93 -16.12 26.93
CA LEU D 153 -2.11 -15.42 26.41
C LEU D 153 -3.32 -16.32 26.54
N ASP D 154 -4.16 -15.98 27.50
CA ASP D 154 -5.34 -16.77 27.81
C ASP D 154 -6.51 -16.22 27.01
N LEU D 155 -6.73 -16.83 25.84
CA LEU D 155 -7.82 -16.44 24.97
C LEU D 155 -9.14 -16.93 25.52
N GLN D 156 -10.06 -16.01 25.74
CA GLN D 156 -11.40 -16.41 26.19
C GLN D 156 -12.44 -15.84 25.24
N MET D 157 -13.60 -16.46 25.19
CA MET D 157 -14.62 -15.95 24.28
C MET D 157 -15.72 -15.24 25.04
N GLN D 158 -16.25 -14.19 24.43
CA GLN D 158 -17.48 -13.58 24.90
C GLN D 158 -18.63 -14.07 24.02
N GLU D 159 -19.86 -13.91 24.51
CA GLU D 159 -21.04 -14.36 23.77
C GLU D 159 -21.22 -13.54 22.50
N ALA D 160 -21.49 -14.23 21.39
CA ALA D 160 -21.59 -13.57 20.09
C ALA D 160 -23.02 -13.20 19.73
N ASP D 161 -23.17 -12.45 18.65
CA ASP D 161 -24.46 -11.87 18.32
C ASP D 161 -24.76 -12.00 16.84
N ILE D 162 -25.94 -12.50 16.47
CA ILE D 162 -26.33 -12.37 15.06
C ILE D 162 -27.23 -11.17 14.83
N SER D 163 -27.35 -10.29 15.83
CA SER D 163 -28.28 -9.17 15.71
C SER D 163 -27.84 -8.16 14.63
N GLY D 164 -26.54 -8.09 14.36
CA GLY D 164 -26.06 -7.17 13.35
C GLY D 164 -26.11 -7.74 11.95
N TYR D 165 -26.58 -8.97 11.80
CA TYR D 165 -26.58 -9.61 10.48
C TYR D 165 -27.58 -8.91 9.58
N ILE D 166 -27.12 -8.53 8.39
N ILE D 166 -27.13 -8.52 8.39
CA ILE D 166 -27.98 -7.85 7.42
CA ILE D 166 -28.01 -7.78 7.49
C ILE D 166 -29.15 -8.73 7.00
C ILE D 166 -29.14 -8.67 6.98
N PRO D 167 -30.38 -8.21 7.13
CA PRO D 167 -31.56 -9.01 6.76
C PRO D 167 -31.82 -9.17 5.27
N TYR D 168 -31.31 -8.28 4.42
CA TYR D 168 -31.68 -8.29 2.99
C TYR D 168 -30.65 -9.07 2.16
N SER D 169 -29.81 -9.83 2.84
CA SER D 169 -28.81 -10.67 2.19
C SER D 169 -29.46 -11.77 1.36
N ARG D 170 -28.71 -12.33 0.41
CA ARG D 170 -29.19 -13.48 -0.35
C ARG D 170 -28.88 -14.77 0.41
N PHE D 171 -28.13 -14.67 1.52
CA PHE D 171 -27.87 -15.83 2.37
C PHE D 171 -28.63 -15.75 3.69
N GLU D 172 -29.24 -16.85 4.10
CA GLU D 172 -29.81 -16.88 5.45
C GLU D 172 -29.06 -17.80 6.41
N LEU D 173 -29.01 -17.39 7.68
CA LEU D 173 -28.33 -18.14 8.73
C LEU D 173 -29.16 -19.34 9.17
N VAL D 174 -28.58 -20.52 9.04
CA VAL D 174 -29.22 -21.74 9.51
C VAL D 174 -28.79 -22.03 10.94
N GLY D 175 -27.55 -21.68 11.27
CA GLY D 175 -27.04 -21.90 12.61
C GLY D 175 -25.73 -21.17 12.81
N VAL D 176 -25.45 -20.81 14.06
CA VAL D 176 -24.10 -20.41 14.44
C VAL D 176 -23.75 -20.91 15.82
N THR D 177 -22.51 -21.36 15.98
CA THR D 177 -21.94 -21.70 17.27
C THR D 177 -20.59 -21.03 17.39
N GLN D 178 -20.19 -20.76 18.62
CA GLN D 178 -18.86 -20.23 18.90
C GLN D 178 -18.31 -21.02 20.05
N LYS D 179 -17.14 -21.62 19.87
CA LYS D 179 -16.55 -22.39 20.94
C LYS D 179 -15.05 -22.17 21.14
N ARG D 180 -14.62 -22.19 22.40
CA ARG D 180 -13.20 -22.13 22.75
C ARG D 180 -12.66 -23.54 22.89
N SER D 181 -11.52 -23.80 22.23
CA SER D 181 -10.82 -25.08 22.42
C SER D 181 -9.35 -24.83 22.78
N GLU D 182 -8.62 -25.90 22.99
CA GLU D 182 -7.25 -25.82 23.46
C GLU D 182 -6.52 -27.08 23.03
N ARG D 183 -5.61 -26.95 22.09
CA ARG D 183 -4.99 -28.14 21.52
C ARG D 183 -3.47 -28.07 21.58
N PHE D 184 -2.85 -29.24 21.63
CA PHE D 184 -1.41 -29.35 21.63
C PHE D 184 -0.89 -29.52 20.22
N TYR D 185 0.32 -29.04 20.00
CA TYR D 185 1.01 -29.21 18.72
C TYR D 185 2.33 -29.92 19.01
N GLU D 186 2.86 -30.62 18.01
CA GLU D 186 4.01 -31.50 18.21
C GLU D 186 5.25 -30.82 18.82
N CYS D 187 5.42 -29.54 18.52
CA CYS D 187 6.62 -28.80 18.89
C CYS D 187 6.76 -28.65 20.40
N CYS D 188 5.87 -27.84 20.94
CA CYS D 188 5.99 -27.33 22.29
C CYS D 188 4.96 -28.03 23.15
N LYS D 189 5.25 -28.15 24.44
CA LYS D 189 4.40 -28.93 25.31
C LYS D 189 3.26 -28.08 25.85
N GLU D 190 3.34 -26.77 25.65
CA GLU D 190 2.28 -25.87 26.05
C GLU D 190 1.18 -25.88 24.98
N PRO D 191 -0.08 -25.86 25.43
CA PRO D 191 -1.20 -25.85 24.48
C PRO D 191 -1.45 -24.47 23.90
N TYR D 192 -2.18 -24.41 22.79
CA TYR D 192 -2.53 -23.13 22.16
C TYR D 192 -4.02 -23.04 22.00
N PRO D 193 -4.67 -22.17 22.77
CA PRO D 193 -6.14 -22.06 22.72
C PRO D 193 -6.59 -21.44 21.41
N ASP D 194 -7.79 -21.81 20.96
CA ASP D 194 -8.42 -21.18 19.81
C ASP D 194 -9.92 -20.92 20.03
N VAL D 195 -10.41 -19.86 19.40
CA VAL D 195 -11.85 -19.65 19.35
C VAL D 195 -12.34 -19.84 17.93
N THR D 196 -13.30 -20.74 17.77
CA THR D 196 -13.88 -21.02 16.47
C THR D 196 -15.35 -20.57 16.36
N PHE D 197 -15.62 -19.75 15.34
N PHE D 197 -15.64 -19.74 15.36
CA PHE D 197 -16.98 -19.32 14.98
CA PHE D 197 -17.01 -19.40 15.06
C PHE D 197 -17.44 -20.22 13.84
C PHE D 197 -17.48 -20.18 13.85
N THR D 198 -18.50 -21.01 14.06
CA THR D 198 -19.05 -21.87 13.02
C THR D 198 -20.39 -21.34 12.53
N VAL D 199 -20.48 -21.08 11.22
CA VAL D 199 -21.71 -20.58 10.62
C VAL D 199 -22.24 -21.57 9.62
N THR D 200 -23.53 -21.89 9.74
CA THR D 200 -24.21 -22.65 8.72
C THR D 200 -25.22 -21.75 8.01
N PHE D 201 -25.12 -21.68 6.69
CA PHE D 201 -25.93 -20.74 5.90
C PHE D 201 -26.32 -21.32 4.55
N ARG D 202 -27.39 -20.80 3.98
CA ARG D 202 -27.83 -21.26 2.67
C ARG D 202 -28.40 -20.10 1.86
N LYS D 203 -28.59 -20.33 0.57
CA LYS D 203 -29.24 -19.35 -0.29
C LYS D 203 -30.71 -19.24 0.05
N LYS D 204 -31.22 -18.02 0.07
CA LYS D 204 -32.66 -17.83 0.16
C LYS D 204 -33.26 -18.28 -1.17
N GLY D 205 -34.44 -18.88 -1.11
CA GLY D 205 -35.08 -19.41 -2.30
C GLY D 205 -34.26 -20.53 -2.95
N GLY E 1 6.60 -8.01 31.56
CA GLY E 1 7.95 -8.34 32.00
C GLY E 1 8.88 -7.15 32.15
N GLU E 2 9.44 -6.99 33.34
CA GLU E 2 10.47 -5.97 33.58
C GLU E 2 11.73 -6.36 32.83
N PHE E 3 11.97 -7.67 32.78
CA PHE E 3 13.11 -8.18 32.05
C PHE E 3 12.84 -8.24 30.55
N GLN E 4 11.58 -8.34 30.14
CA GLN E 4 11.26 -8.31 28.72
C GLN E 4 11.49 -6.92 28.15
N ARG E 5 11.11 -5.89 28.90
CA ARG E 5 11.38 -4.52 28.46
C ARG E 5 12.85 -4.29 28.23
N LYS E 6 13.68 -4.86 29.11
CA LYS E 6 15.12 -4.72 29.00
C LYS E 6 15.61 -5.39 27.72
N LEU E 7 15.15 -6.62 27.50
CA LEU E 7 15.54 -7.39 26.34
C LEU E 7 15.13 -6.70 25.03
N TYR E 8 13.90 -6.21 24.94
CA TYR E 8 13.43 -5.55 23.74
C TYR E 8 14.19 -4.24 23.53
N LYS E 9 14.51 -3.56 24.61
CA LYS E 9 15.27 -2.33 24.53
C LYS E 9 16.68 -2.64 23.99
N GLU E 10 17.28 -3.72 24.49
CA GLU E 10 18.62 -4.08 24.08
C GLU E 10 18.65 -4.44 22.59
N LEU E 11 17.54 -5.01 22.11
CA LEU E 11 17.42 -5.36 20.70
C LEU E 11 17.54 -4.10 19.82
N VAL E 12 16.82 -3.05 20.19
CA VAL E 12 16.83 -1.79 19.45
C VAL E 12 18.20 -1.13 19.55
N LYS E 13 18.76 -1.16 20.75
CA LYS E 13 19.96 -0.41 21.06
C LYS E 13 21.24 -1.07 20.52
N ASN E 14 21.28 -2.40 20.52
CA ASN E 14 22.52 -3.11 20.27
C ASN E 14 22.43 -4.21 19.24
N TYR E 15 21.64 -3.97 18.20
CA TYR E 15 21.42 -4.98 17.18
C TYR E 15 21.08 -4.32 15.84
N ASN E 16 21.60 -4.88 14.76
CA ASN E 16 21.30 -4.38 13.42
C ASN E 16 20.70 -5.47 12.56
N PRO E 17 19.40 -5.36 12.27
CA PRO E 17 18.72 -6.37 11.47
C PRO E 17 19.19 -6.39 10.00
N ASP E 18 19.98 -5.40 9.56
CA ASP E 18 20.54 -5.45 8.21
C ASP E 18 21.75 -6.41 8.09
N VAL E 19 22.34 -6.77 9.21
CA VAL E 19 23.58 -7.56 9.20
C VAL E 19 23.33 -9.06 9.33
N ILE E 20 23.83 -9.82 8.35
CA ILE E 20 23.66 -11.27 8.39
C ILE E 20 24.57 -11.86 9.47
N PRO E 21 24.00 -12.61 10.42
CA PRO E 21 24.77 -13.11 11.58
C PRO E 21 25.76 -14.22 11.23
N THR E 22 26.51 -14.05 10.16
CA THR E 22 27.60 -14.97 9.87
C THR E 22 28.65 -14.81 10.95
N GLN E 23 29.39 -15.89 11.20
CA GLN E 23 30.49 -15.83 12.15
C GLN E 23 31.83 -15.88 11.45
N ARG E 24 32.86 -16.02 12.28
CA ARG E 24 34.21 -16.13 11.80
C ARG E 24 34.36 -17.47 11.10
N ASP E 25 34.35 -17.42 9.77
CA ASP E 25 34.52 -18.62 8.94
C ASP E 25 33.39 -19.60 9.15
N ARG E 26 32.15 -19.12 9.05
CA ARG E 26 31.01 -19.96 9.40
C ARG E 26 29.71 -19.34 8.92
N PRO E 27 28.98 -20.05 8.04
CA PRO E 27 27.72 -19.47 7.57
C PRO E 27 26.62 -19.59 8.59
N VAL E 28 25.56 -18.82 8.37
CA VAL E 28 24.30 -19.02 9.03
C VAL E 28 23.57 -20.17 8.33
N THR E 29 23.15 -21.15 9.12
CA THR E 29 22.38 -22.26 8.58
C THR E 29 20.88 -21.98 8.75
N VAL E 30 20.15 -21.92 7.64
CA VAL E 30 18.70 -21.81 7.77
C VAL E 30 17.94 -23.03 7.26
N TYR E 31 17.04 -23.50 8.12
CA TYR E 31 16.22 -24.67 7.85
C TYR E 31 14.90 -24.19 7.31
N PHE E 32 14.41 -24.88 6.30
CA PHE E 32 13.31 -24.37 5.51
C PHE E 32 12.42 -25.52 5.10
N SER E 33 11.11 -25.33 5.17
CA SER E 33 10.19 -26.33 4.63
C SER E 33 8.85 -25.71 4.27
N LEU E 34 8.20 -26.29 3.27
CA LEU E 34 6.95 -25.75 2.78
C LEU E 34 5.85 -26.75 3.00
N SER E 35 4.78 -26.33 3.68
CA SER E 35 3.58 -27.16 3.83
C SER E 35 2.44 -26.59 2.98
N LEU E 36 1.99 -27.40 2.02
CA LEU E 36 0.96 -26.94 1.11
C LEU E 36 -0.39 -27.00 1.82
N LEU E 37 -1.13 -25.90 1.81
CA LEU E 37 -2.46 -25.87 2.42
C LEU E 37 -3.61 -25.95 1.41
N GLN E 38 -3.47 -25.25 0.29
CA GLN E 38 -4.51 -25.26 -0.74
C GLN E 38 -4.03 -24.65 -2.07
N ILE E 39 -4.27 -25.38 -3.15
CA ILE E 39 -4.16 -24.81 -4.48
C ILE E 39 -5.44 -24.03 -4.77
N MET E 40 -5.34 -22.71 -4.76
CA MET E 40 -6.51 -21.86 -4.90
C MET E 40 -7.09 -21.91 -6.31
N ASP E 41 -6.22 -21.94 -7.30
CA ASP E 41 -6.65 -21.82 -8.68
C ASP E 41 -5.49 -22.13 -9.60
N VAL E 42 -5.81 -22.44 -10.85
CA VAL E 42 -4.80 -22.51 -11.90
C VAL E 42 -5.32 -21.74 -13.09
N ASP E 43 -4.41 -21.24 -13.93
CA ASP E 43 -4.78 -20.53 -15.14
C ASP E 43 -4.10 -21.25 -16.28
N GLU E 44 -4.88 -22.01 -17.04
CA GLU E 44 -4.33 -22.83 -18.12
C GLU E 44 -3.90 -21.98 -19.31
N LYS E 45 -4.44 -20.77 -19.42
CA LYS E 45 -4.05 -19.89 -20.51
C LYS E 45 -2.72 -19.21 -20.21
N ASN E 46 -2.61 -18.60 -19.03
CA ASN E 46 -1.39 -17.88 -18.68
C ASN E 46 -0.29 -18.74 -18.03
N GLN E 47 -0.61 -19.99 -17.72
CA GLN E 47 0.34 -20.90 -17.08
C GLN E 47 0.76 -20.45 -15.67
N VAL E 48 -0.23 -20.33 -14.79
CA VAL E 48 -0.03 -19.90 -13.42
C VAL E 48 -0.74 -20.84 -12.45
N VAL E 49 -0.18 -20.95 -11.25
CA VAL E 49 -0.83 -21.63 -10.16
C VAL E 49 -0.86 -20.71 -8.92
N ASP E 50 -1.99 -20.69 -8.24
CA ASP E 50 -2.20 -19.79 -7.10
C ASP E 50 -2.27 -20.70 -5.89
N VAL E 51 -1.33 -20.55 -4.97
CA VAL E 51 -1.24 -21.47 -3.83
C VAL E 51 -1.18 -20.79 -2.48
N VAL E 52 -1.73 -21.49 -1.49
CA VAL E 52 -1.62 -21.08 -0.11
C VAL E 52 -0.82 -22.13 0.63
N PHE E 53 0.22 -21.67 1.31
CA PHE E 53 1.12 -22.59 1.99
C PHE E 53 1.68 -21.99 3.27
N TRP E 54 2.17 -22.86 4.13
CA TRP E 54 2.76 -22.46 5.42
C TRP E 54 4.24 -22.71 5.37
N LEU E 55 5.05 -21.66 5.52
CA LEU E 55 6.50 -21.84 5.53
C LEU E 55 7.03 -22.02 6.95
N GLN E 56 7.97 -22.94 7.13
CA GLN E 56 8.72 -23.01 8.38
C GLN E 56 10.18 -22.67 8.12
N MET E 57 10.61 -21.54 8.65
CA MET E 57 12.00 -21.13 8.58
C MET E 57 12.58 -21.04 9.98
N SER E 58 13.77 -21.57 10.15
CA SER E 58 14.47 -21.39 11.41
C SER E 58 15.97 -21.30 11.20
N TRP E 59 16.62 -20.55 12.11
CA TRP E 59 18.06 -20.36 12.03
C TRP E 59 18.52 -19.82 13.37
N THR E 60 19.82 -19.86 13.60
CA THR E 60 20.38 -19.33 14.82
C THR E 60 21.13 -18.07 14.48
N ASP E 61 20.79 -17.00 15.20
CA ASP E 61 21.47 -15.73 15.06
C ASP E 61 22.27 -15.55 16.34
N HIS E 62 23.60 -15.65 16.25
CA HIS E 62 24.42 -15.57 17.47
C HIS E 62 24.36 -14.20 18.18
N TYR E 63 23.96 -13.16 17.47
CA TYR E 63 23.80 -11.86 18.12
C TYR E 63 22.48 -11.78 18.90
N LEU E 64 21.67 -12.81 18.81
CA LEU E 64 20.39 -12.82 19.51
C LEU E 64 20.41 -13.72 20.74
N GLN E 65 21.54 -14.33 21.05
CA GLN E 65 21.58 -15.07 22.31
C GLN E 65 21.68 -14.11 23.48
N TRP E 66 21.14 -14.51 24.64
CA TRP E 66 21.21 -13.69 25.84
C TRP E 66 21.53 -14.56 27.06
N ASN E 67 22.11 -13.98 28.10
CA ASN E 67 22.38 -14.72 29.34
C ASN E 67 21.11 -14.79 30.17
N VAL E 68 20.70 -16.01 30.52
CA VAL E 68 19.47 -16.18 31.30
C VAL E 68 19.55 -15.52 32.67
N SER E 69 20.76 -15.44 33.21
CA SER E 69 20.95 -14.80 34.51
C SER E 69 20.62 -13.31 34.45
N GLU E 70 20.71 -12.73 33.25
CA GLU E 70 20.46 -11.30 33.13
C GLU E 70 19.00 -11.03 32.88
N TYR E 71 18.25 -12.08 32.55
CA TYR E 71 16.82 -11.97 32.22
C TYR E 71 16.06 -13.17 32.77
N PRO E 72 16.03 -13.30 34.12
CA PRO E 72 15.63 -14.52 34.85
C PRO E 72 14.40 -15.28 34.33
N GLY E 73 13.26 -14.63 34.20
CA GLY E 73 12.07 -15.38 33.80
C GLY E 73 11.88 -15.63 32.30
N VAL E 74 12.83 -15.19 31.49
CA VAL E 74 12.56 -15.08 30.06
C VAL E 74 13.20 -16.17 29.20
N LYS E 75 12.39 -17.15 28.77
CA LYS E 75 12.87 -18.26 27.93
C LYS E 75 12.71 -18.01 26.42
N GLN E 76 11.57 -17.50 25.99
CA GLN E 76 11.46 -17.03 24.61
C GLN E 76 10.47 -15.90 24.44
N VAL E 77 10.68 -15.11 23.40
CA VAL E 77 9.84 -13.97 23.13
C VAL E 77 9.40 -13.91 21.66
N SER E 78 8.29 -13.22 21.42
N SER E 78 8.30 -13.21 21.42
CA SER E 78 7.78 -13.00 20.08
CA SER E 78 7.77 -12.99 20.08
C SER E 78 8.22 -11.62 19.62
C SER E 78 8.20 -11.63 19.61
N VAL E 79 8.95 -11.58 18.52
CA VAL E 79 9.57 -10.36 18.05
C VAL E 79 9.10 -10.05 16.65
N PRO E 80 8.76 -8.78 16.37
CA PRO E 80 8.46 -8.38 14.99
C PRO E 80 9.65 -8.66 14.10
N ILE E 81 9.42 -9.34 12.97
CA ILE E 81 10.53 -9.66 12.06
C ILE E 81 11.29 -8.42 11.58
N SER E 82 10.61 -7.29 11.50
CA SER E 82 11.25 -6.05 11.08
C SER E 82 12.39 -5.66 12.02
N SER E 83 12.40 -6.21 13.22
CA SER E 83 13.44 -5.88 14.19
C SER E 83 14.61 -6.85 14.09
N LEU E 84 14.43 -7.89 13.29
CA LEU E 84 15.43 -8.97 13.16
C LEU E 84 16.05 -9.05 11.77
N TRP E 85 17.26 -9.57 11.70
CA TRP E 85 17.72 -10.05 10.42
C TRP E 85 16.87 -11.26 10.06
N VAL E 86 16.42 -11.32 8.82
CA VAL E 86 15.71 -12.50 8.33
C VAL E 86 16.33 -12.92 6.99
N PRO E 87 16.32 -14.24 6.70
CA PRO E 87 16.86 -14.74 5.44
C PRO E 87 16.11 -14.12 4.25
N ASP E 88 16.86 -13.56 3.31
CA ASP E 88 16.28 -12.94 2.11
C ASP E 88 15.85 -14.02 1.12
N LEU E 89 14.93 -14.88 1.53
CA LEU E 89 14.51 -15.96 0.64
C LEU E 89 13.53 -15.45 -0.40
N ALA E 90 13.77 -15.78 -1.66
CA ALA E 90 12.86 -15.39 -2.72
C ALA E 90 12.38 -16.61 -3.46
N ALA E 91 11.12 -16.58 -3.87
CA ALA E 91 10.59 -17.60 -4.77
C ALA E 91 11.01 -17.30 -6.21
N TYR E 92 11.91 -18.13 -6.75
CA TYR E 92 12.50 -17.87 -8.06
C TYR E 92 11.48 -17.72 -9.18
N ASN E 93 10.50 -18.62 -9.19
CA ASN E 93 9.55 -18.66 -10.29
C ASN E 93 8.20 -18.07 -9.91
N ALA E 94 8.21 -17.17 -8.93
CA ALA E 94 6.98 -16.51 -8.52
C ALA E 94 6.62 -15.41 -9.52
N ILE E 95 5.33 -15.19 -9.73
CA ILE E 95 4.91 -14.10 -10.62
C ILE E 95 4.11 -13.02 -9.90
N SER E 96 3.88 -13.21 -8.60
CA SER E 96 3.29 -12.17 -7.75
C SER E 96 4.12 -12.04 -6.47
N LYS E 97 3.96 -10.92 -5.77
CA LYS E 97 4.57 -10.78 -4.44
C LYS E 97 3.83 -11.71 -3.48
N PRO E 98 4.52 -12.21 -2.46
CA PRO E 98 3.86 -13.02 -1.42
C PRO E 98 2.84 -12.19 -0.65
N GLU E 99 1.66 -12.74 -0.44
CA GLU E 99 0.70 -12.15 0.48
C GLU E 99 0.83 -12.91 1.80
N VAL E 100 1.52 -12.29 2.75
CA VAL E 100 1.69 -12.87 4.08
C VAL E 100 0.38 -12.77 4.90
N LEU E 101 -0.21 -13.92 5.19
CA LEU E 101 -1.54 -13.96 5.82
C LEU E 101 -1.54 -13.83 7.34
N THR E 102 -0.40 -14.11 7.97
CA THR E 102 -0.34 -14.25 9.43
C THR E 102 0.45 -13.10 10.07
N PRO E 103 0.38 -12.95 11.42
CA PRO E 103 1.16 -11.90 12.09
C PRO E 103 2.66 -12.06 11.87
N GLN E 104 3.34 -10.95 11.60
CA GLN E 104 4.72 -11.00 11.16
C GLN E 104 5.66 -10.95 12.36
N LEU E 105 5.57 -12.01 13.15
CA LEU E 105 6.31 -12.17 14.39
C LEU E 105 7.06 -13.49 14.32
N ALA E 106 8.27 -13.50 14.87
CA ALA E 106 9.06 -14.72 15.01
C ALA E 106 9.35 -15.00 16.49
N LEU E 107 9.49 -16.28 16.83
CA LEU E 107 9.89 -16.68 18.17
C LEU E 107 11.41 -16.73 18.26
N VAL E 108 11.96 -16.13 19.31
CA VAL E 108 13.39 -16.20 19.56
C VAL E 108 13.63 -16.75 20.96
N ASN E 109 14.55 -17.70 21.10
CA ASN E 109 14.97 -18.06 22.43
C ASN E 109 16.39 -17.60 22.81
N SER E 110 16.77 -17.89 24.05
CA SER E 110 17.97 -17.34 24.67
C SER E 110 19.28 -17.78 24.03
N SER E 111 19.25 -18.83 23.22
CA SER E 111 20.45 -19.22 22.51
C SER E 111 20.43 -18.67 21.09
N GLY E 112 19.50 -17.76 20.82
CA GLY E 112 19.50 -17.06 19.56
C GLY E 112 18.82 -17.81 18.44
N HIS E 113 18.11 -18.89 18.76
CA HIS E 113 17.39 -19.61 17.72
C HIS E 113 16.10 -18.86 17.40
N VAL E 114 15.88 -18.67 16.10
CA VAL E 114 14.71 -17.94 15.61
C VAL E 114 13.84 -18.89 14.80
N GLN E 115 12.52 -18.81 15.01
CA GLN E 115 11.56 -19.55 14.20
C GLN E 115 10.51 -18.61 13.65
N TYR E 116 10.39 -18.58 12.32
CA TYR E 116 9.42 -17.74 11.63
C TYR E 116 8.54 -18.68 10.79
N LEU E 117 7.23 -18.62 11.01
CA LEU E 117 6.33 -19.59 10.41
C LEU E 117 5.14 -18.90 9.72
N PRO E 118 5.42 -18.14 8.66
CA PRO E 118 4.33 -17.40 8.00
C PRO E 118 3.42 -18.28 7.15
N SER E 119 2.15 -17.90 7.08
CA SER E 119 1.23 -18.48 6.11
C SER E 119 1.21 -17.51 4.91
N ILE E 120 1.28 -18.07 3.70
CA ILE E 120 1.52 -17.25 2.50
C ILE E 120 0.64 -17.65 1.31
N ARG E 121 0.10 -16.64 0.63
CA ARG E 121 -0.54 -16.89 -0.64
C ARG E 121 0.30 -16.25 -1.72
N GLN E 122 0.52 -16.99 -2.80
CA GLN E 122 1.44 -16.51 -3.84
C GLN E 122 1.21 -17.24 -5.15
N ARG E 123 1.39 -16.53 -6.26
CA ARG E 123 1.21 -17.15 -7.58
C ARG E 123 2.55 -17.45 -8.27
N PHE E 124 2.61 -18.63 -8.88
CA PHE E 124 3.83 -19.09 -9.50
C PHE E 124 3.60 -19.43 -10.96
N SER E 125 4.64 -19.21 -11.75
CA SER E 125 4.67 -19.71 -13.11
C SER E 125 4.75 -21.23 -13.07
N CYS E 126 3.99 -21.90 -13.94
CA CYS E 126 3.92 -23.37 -13.95
C CYS E 126 3.19 -23.89 -15.19
N ASP E 127 3.71 -24.97 -15.78
CA ASP E 127 3.01 -25.65 -16.86
C ASP E 127 1.83 -26.41 -16.28
N VAL E 128 0.64 -25.83 -16.33
CA VAL E 128 -0.51 -26.47 -15.70
C VAL E 128 -1.36 -27.25 -16.70
N SER E 129 -0.83 -27.49 -17.90
CA SER E 129 -1.66 -28.03 -18.97
C SER E 129 -2.11 -29.47 -18.74
N GLY E 130 -1.42 -30.21 -17.89
CA GLY E 130 -1.77 -31.60 -17.65
C GLY E 130 -2.73 -31.79 -16.48
N VAL E 131 -3.27 -30.68 -15.99
CA VAL E 131 -4.12 -30.65 -14.80
C VAL E 131 -5.38 -31.55 -14.90
N ASP E 132 -5.89 -31.76 -16.11
CA ASP E 132 -7.11 -32.54 -16.32
C ASP E 132 -6.83 -33.95 -16.79
N THR E 133 -5.56 -34.30 -16.91
CA THR E 133 -5.17 -35.64 -17.33
C THR E 133 -4.89 -36.47 -16.10
N GLU E 134 -4.76 -37.79 -16.28
CA GLU E 134 -4.54 -38.68 -15.16
C GLU E 134 -3.19 -38.40 -14.49
N SER E 135 -2.21 -38.06 -15.32
CA SER E 135 -0.85 -37.79 -14.82
C SER E 135 -0.77 -36.53 -13.99
N GLY E 136 -1.58 -35.53 -14.34
CA GLY E 136 -1.67 -34.31 -13.56
C GLY E 136 -0.69 -33.24 -13.99
N ALA E 137 -0.75 -32.09 -13.35
CA ALA E 137 0.23 -31.04 -13.61
C ALA E 137 1.34 -31.14 -12.58
N THR E 138 2.58 -30.90 -13.00
CA THR E 138 3.67 -30.84 -12.02
C THR E 138 4.21 -29.42 -11.89
N CYS E 139 4.09 -28.85 -10.70
CA CYS E 139 4.62 -27.51 -10.41
C CYS E 139 5.82 -27.56 -9.48
N LYS E 140 6.85 -26.80 -9.84
CA LYS E 140 8.02 -26.65 -9.01
C LYS E 140 8.00 -25.29 -8.36
N LEU E 141 8.01 -25.28 -7.03
CA LEU E 141 8.14 -24.07 -6.24
C LEU E 141 9.58 -23.96 -5.73
N LYS E 142 10.39 -23.14 -6.39
CA LYS E 142 11.83 -23.05 -6.08
C LYS E 142 12.21 -21.82 -5.22
N PHE E 143 12.90 -22.07 -4.10
CA PHE E 143 13.28 -21.01 -3.16
C PHE E 143 14.76 -20.96 -2.87
N GLY E 144 15.31 -19.76 -2.77
CA GLY E 144 16.70 -19.57 -2.45
C GLY E 144 16.98 -18.15 -1.98
N SER E 145 18.12 -17.95 -1.33
CA SER E 145 18.59 -16.62 -0.99
C SER E 145 18.78 -15.83 -2.28
N TRP E 146 18.44 -14.53 -2.24
CA TRP E 146 18.55 -13.72 -3.45
C TRP E 146 19.94 -13.12 -3.62
N THR E 147 20.63 -12.89 -2.50
CA THR E 147 21.93 -12.22 -2.56
C THR E 147 23.06 -12.91 -1.80
N HIS E 148 22.76 -13.98 -1.07
CA HIS E 148 23.82 -14.67 -0.31
C HIS E 148 24.16 -16.05 -0.86
N HIS E 149 25.44 -16.28 -1.16
CA HIS E 149 25.88 -17.62 -1.56
C HIS E 149 26.04 -18.57 -0.37
N SER E 150 26.35 -19.83 -0.67
CA SER E 150 26.35 -20.92 0.30
C SER E 150 27.31 -20.76 1.48
N ARG E 151 28.41 -20.04 1.28
CA ARG E 151 29.36 -19.80 2.36
C ARG E 151 28.87 -18.80 3.41
N GLU E 152 27.88 -17.99 3.06
CA GLU E 152 27.35 -17.06 4.06
C GLU E 152 25.96 -17.43 4.54
N LEU E 153 25.19 -18.07 3.68
CA LEU E 153 23.88 -18.59 4.07
C LEU E 153 23.73 -20.01 3.56
N ASP E 154 23.66 -20.95 4.49
CA ASP E 154 23.56 -22.36 4.17
C ASP E 154 22.11 -22.77 4.32
N LEU E 155 21.50 -23.15 3.21
CA LEU E 155 20.07 -23.43 3.21
C LEU E 155 19.85 -24.93 3.26
N GLN E 156 19.12 -25.38 4.26
CA GLN E 156 18.88 -26.81 4.45
C GLN E 156 17.39 -27.05 4.56
N MET E 157 16.94 -28.25 4.17
CA MET E 157 15.51 -28.51 4.23
C MET E 157 15.08 -29.29 5.46
N GLN E 158 13.77 -29.44 5.62
CA GLN E 158 13.21 -30.25 6.70
C GLN E 158 12.13 -31.15 6.12
N GLU E 159 11.68 -32.11 6.91
CA GLU E 159 10.63 -33.02 6.50
C GLU E 159 9.36 -32.26 6.11
N ALA E 160 8.74 -32.66 5.00
CA ALA E 160 7.55 -31.98 4.48
C ALA E 160 6.29 -32.35 5.25
N ASP E 161 5.21 -31.64 4.97
CA ASP E 161 3.94 -31.88 5.64
C ASP E 161 2.79 -31.53 4.70
N ILE E 162 2.10 -32.54 4.21
CA ILE E 162 0.88 -32.31 3.42
C ILE E 162 -0.37 -32.70 4.21
N SER E 163 -0.21 -32.88 5.52
CA SER E 163 -1.32 -33.23 6.39
C SER E 163 -2.24 -32.02 6.67
N GLY E 164 -1.87 -30.85 6.17
CA GLY E 164 -2.70 -29.68 6.35
C GLY E 164 -3.44 -29.37 5.07
N TYR E 165 -3.20 -30.18 4.05
CA TYR E 165 -3.85 -29.97 2.77
C TYR E 165 -5.36 -30.13 2.91
N ILE E 166 -6.07 -29.04 2.65
CA ILE E 166 -7.52 -29.01 2.52
C ILE E 166 -8.06 -30.21 1.74
N PRO E 167 -8.99 -30.95 2.36
CA PRO E 167 -9.60 -32.13 1.73
C PRO E 167 -10.76 -31.83 0.77
N TYR E 168 -11.23 -30.59 0.74
CA TYR E 168 -12.46 -30.33 -0.01
C TYR E 168 -12.26 -29.45 -1.25
N SER E 169 -11.01 -29.31 -1.70
CA SER E 169 -10.76 -28.53 -2.92
C SER E 169 -11.01 -29.38 -4.17
N ARG E 170 -11.06 -28.73 -5.32
CA ARG E 170 -11.30 -29.45 -6.58
C ARG E 170 -10.03 -30.10 -7.12
N PHE E 171 -8.91 -29.91 -6.43
CA PHE E 171 -7.65 -30.55 -6.81
C PHE E 171 -7.25 -31.64 -5.84
N GLU E 172 -6.77 -32.76 -6.37
CA GLU E 172 -6.19 -33.78 -5.51
C GLU E 172 -4.67 -33.85 -5.66
N LEU E 173 -3.99 -34.14 -4.55
CA LEU E 173 -2.55 -34.30 -4.54
C LEU E 173 -2.13 -35.65 -5.08
N VAL E 174 -1.27 -35.65 -6.10
CA VAL E 174 -0.68 -36.89 -6.56
C VAL E 174 0.68 -37.09 -5.87
N GLY E 175 1.69 -36.40 -6.38
CA GLY E 175 3.03 -36.51 -5.84
C GLY E 175 3.50 -35.20 -5.26
N VAL E 176 4.28 -35.31 -4.19
CA VAL E 176 4.89 -34.14 -3.59
C VAL E 176 6.28 -34.49 -3.04
N THR E 177 7.29 -33.88 -3.63
CA THR E 177 8.68 -34.12 -3.26
C THR E 177 9.36 -32.80 -2.94
N GLN E 178 10.45 -32.89 -2.17
CA GLN E 178 11.26 -31.72 -1.86
C GLN E 178 12.74 -32.06 -1.93
N LYS E 179 13.52 -31.22 -2.61
CA LYS E 179 14.94 -31.49 -2.75
C LYS E 179 15.82 -30.24 -2.73
N ARG E 180 16.99 -30.38 -2.13
CA ARG E 180 17.97 -29.30 -2.10
C ARG E 180 18.99 -29.47 -3.22
N SER E 181 19.31 -28.38 -3.88
CA SER E 181 20.32 -28.40 -4.94
C SER E 181 21.33 -27.28 -4.72
N GLU E 182 22.56 -27.46 -5.20
CA GLU E 182 23.51 -26.36 -5.14
C GLU E 182 24.01 -25.96 -6.51
N ARG E 183 23.30 -25.03 -7.16
CA ARG E 183 23.61 -24.61 -8.52
C ARG E 183 24.71 -23.56 -8.57
N PHE E 184 25.36 -23.47 -9.73
CA PHE E 184 26.34 -22.43 -9.98
C PHE E 184 25.79 -21.41 -10.95
N TYR E 185 26.32 -20.19 -10.89
CA TYR E 185 25.89 -19.15 -11.81
C TYR E 185 27.10 -18.49 -12.47
N GLU E 186 26.95 -18.15 -13.74
CA GLU E 186 28.04 -17.67 -14.58
C GLU E 186 28.71 -16.42 -14.01
N CYS E 187 27.93 -15.65 -13.25
CA CYS E 187 28.40 -14.41 -12.66
C CYS E 187 29.40 -14.64 -11.55
N CYS E 188 28.92 -15.31 -10.53
CA CYS E 188 29.61 -15.36 -9.25
C CYS E 188 30.51 -16.58 -9.13
N LYS E 189 31.57 -16.44 -8.35
CA LYS E 189 32.53 -17.52 -8.17
C LYS E 189 31.95 -18.54 -7.21
N GLU E 190 30.88 -18.14 -6.52
CA GLU E 190 30.32 -18.93 -5.44
C GLU E 190 28.99 -19.58 -5.83
N PRO E 191 28.75 -20.80 -5.35
CA PRO E 191 27.50 -21.53 -5.61
C PRO E 191 26.33 -21.02 -4.72
N TYR E 192 25.11 -21.12 -5.23
CA TYR E 192 23.93 -20.69 -4.47
C TYR E 192 22.95 -21.85 -4.29
N PRO E 193 22.67 -22.21 -3.03
CA PRO E 193 21.78 -23.37 -2.85
C PRO E 193 20.32 -22.99 -3.03
N ASP E 194 19.49 -23.98 -3.33
CA ASP E 194 18.05 -23.75 -3.40
C ASP E 194 17.32 -24.95 -2.83
N VAL E 195 16.14 -24.70 -2.30
CA VAL E 195 15.24 -25.76 -1.94
C VAL E 195 14.05 -25.74 -2.91
N THR E 196 13.71 -26.91 -3.44
CA THR E 196 12.64 -26.99 -4.41
C THR E 196 11.54 -27.92 -3.94
N PHE E 197 10.31 -27.41 -3.94
N PHE E 197 10.31 -27.41 -3.99
CA PHE E 197 9.17 -28.23 -3.60
CA PHE E 197 9.14 -28.18 -3.61
C PHE E 197 8.35 -28.53 -4.85
C PHE E 197 8.38 -28.52 -4.89
N THR E 198 8.26 -29.80 -5.19
CA THR E 198 7.58 -30.23 -6.40
C THR E 198 6.20 -30.82 -6.12
N VAL E 199 5.17 -30.14 -6.59
CA VAL E 199 3.79 -30.64 -6.46
C VAL E 199 3.24 -31.21 -7.76
N THR E 200 2.72 -32.43 -7.70
CA THR E 200 1.94 -32.97 -8.80
C THR E 200 0.50 -33.13 -8.33
N PHE E 201 -0.43 -32.49 -9.04
CA PHE E 201 -1.83 -32.52 -8.65
C PHE E 201 -2.70 -32.59 -9.90
N ARG E 202 -3.97 -32.91 -9.72
CA ARG E 202 -4.91 -32.95 -10.83
C ARG E 202 -6.32 -32.60 -10.39
N LYS E 203 -7.17 -32.30 -11.36
CA LYS E 203 -8.59 -32.08 -11.11
C LYS E 203 -9.28 -33.37 -10.68
N LYS E 204 -10.11 -33.28 -9.65
CA LYS E 204 -10.87 -34.43 -9.18
C LYS E 204 -11.94 -34.83 -10.19
N GLY E 205 -12.35 -36.10 -10.15
CA GLY E 205 -13.45 -36.57 -10.95
C GLY E 205 -14.77 -36.43 -10.20
C1 NAG F . 34.57 -4.24 -7.83
C2 NAG F . 35.64 -5.30 -7.69
C3 NAG F . 36.16 -5.50 -9.11
C4 NAG F . 34.99 -6.02 -9.95
C5 NAG F . 33.70 -5.21 -9.76
C6 NAG F . 32.50 -6.00 -10.29
C7 NAG F . 36.98 -5.76 -5.71
C8 NAG F . 37.94 -5.20 -4.69
N2 NAG F . 36.66 -4.95 -6.72
O3 NAG F . 37.26 -6.39 -9.13
O4 NAG F . 35.34 -6.00 -11.31
O5 NAG F . 33.47 -4.90 -8.40
O6 NAG F . 32.64 -6.16 -11.68
O7 NAG F . 36.56 -6.91 -5.57
C1 NAG G . 36.76 -3.57 -12.96
C2 NAG G . 35.52 -3.82 -13.83
C3 NAG G . 35.34 -5.28 -14.24
C4 NAG G . 36.67 -5.99 -14.54
C5 NAG G . 37.67 -5.69 -13.43
C6 NAG G . 38.98 -6.42 -13.62
C7 NAG G . 33.66 -2.31 -13.46
C8 NAG G . 32.93 -2.40 -14.77
N2 NAG G . 34.34 -3.38 -13.10
O3 NAG G . 34.49 -5.36 -15.37
O4 NAG G . 36.48 -7.39 -14.60
O5 NAG G . 37.89 -4.29 -13.40
O6 NAG G . 39.72 -6.37 -12.43
O7 NAG G . 33.60 -1.28 -12.78
C1 42R H . 30.31 5.97 4.07
N1 42R H . 31.58 5.19 4.20
C2 42R H . 32.73 6.01 4.04
C3 42R H . 33.73 5.90 5.15
C4 42R H . 33.24 6.81 6.20
O1 42R H . 34.95 6.34 4.73
C5 42R H . 33.94 4.52 5.69
O2 42R H . 34.84 4.27 6.51
C6 42R H . 33.04 3.40 5.19
C7 42R H . 31.80 3.79 4.42
C8 42R H . 30.89 2.75 3.91
C9 42R H . 29.83 2.27 4.68
C10 42R H . 29.03 1.31 4.18
C11 42R H . 29.28 0.81 2.91
BR1 42R H . 28.14 -0.57 2.15
C12 42R H . 30.30 1.26 2.16
C13 42R H . 31.12 2.24 2.66
C1 42R I . 8.03 5.14 -24.98
N1 42R I . 7.77 6.61 -24.97
C2 42R I . 8.99 7.35 -25.01
C3 42R I . 9.02 8.43 -26.04
C4 42R I . 9.12 7.76 -27.36
O1 42R I . 10.10 9.23 -25.87
C5 42R I . 7.83 9.32 -26.00
O2 42R I . 7.89 10.49 -26.38
C6 42R I . 6.52 8.74 -25.46
C7 42R I . 6.53 7.32 -24.93
C8 42R I . 5.28 6.74 -24.42
C9 42R I . 4.93 6.90 -23.09
C10 42R I . 3.78 6.37 -22.63
C11 42R I . 2.94 5.66 -23.48
BR1 42R I . 1.29 4.92 -22.80
C12 42R I . 3.27 5.50 -24.77
C13 42R I . 4.44 6.04 -25.26
O1 L0B J . 13.82 16.82 -18.65
C3 L0B J . 12.63 16.81 -18.94
C21 L0B J . 6.09 9.68 -21.06
C10 L0B J . 6.18 11.06 -20.90
C19 L0B J . 7.37 11.74 -21.18
C17 L0B J . 8.49 11.04 -21.64
C18 L0B J . 8.41 9.66 -21.79
C20 L0B J . 7.21 8.98 -21.50
C14 L0B J . 10.83 11.24 -20.95
C11 L0B J . 12.00 12.20 -20.80
C13 L0B J . 13.13 11.55 -20.01
C15 L0B J . 14.27 12.53 -19.75
C12 L0B J . 13.75 13.83 -19.13
C9 L0B J . 12.57 14.41 -19.92
N1 L0B J . 11.53 13.39 -20.08
C22 L0B J . 11.01 12.99 -18.74
C8 L0B J . 11.86 15.54 -19.17
C16 L0B J . 9.76 11.74 -21.93
O2 L0B J . 9.61 13.16 -21.78
C4 L0B J . 10.74 18.21 -19.78
C1 L0B J . 11.89 18.11 -19.00
C2 L0B J . 12.35 19.19 -18.24
C5 L0B J . 11.65 20.39 -18.29
C6 L0B J . 10.50 20.50 -19.07
C7 L0B J . 10.05 19.42 -19.82
C1 NAG K . 15.25 29.41 -14.17
C2 NAG K . 16.51 29.32 -15.01
C3 NAG K . 16.13 29.50 -16.47
C4 NAG K . 14.78 28.87 -16.81
C5 NAG K . 14.18 27.92 -15.75
C6 NAG K . 14.62 26.48 -15.95
C7 NAG K . 18.67 29.96 -14.07
C8 NAG K . 19.68 31.05 -13.89
N2 NAG K . 17.48 30.31 -14.61
O3 NAG K . 17.13 28.94 -17.30
O4 NAG K . 13.85 29.90 -17.07
O5 NAG K . 14.43 28.29 -14.39
O6 NAG K . 15.79 26.25 -15.20
O7 NAG K . 18.92 28.80 -13.75
C1 NAG L . 13.88 33.14 -17.22
C2 NAG L . 12.54 32.67 -17.78
C3 NAG L . 12.72 32.15 -19.21
C4 NAG L . 14.03 32.65 -19.83
C5 NAG L . 15.22 32.27 -18.97
C6 NAG L . 16.36 33.26 -19.17
C7 NAG L . 11.26 31.86 -15.88
C8 NAG L . 9.90 31.24 -15.84
N2 NAG L . 12.01 31.60 -16.95
O3 NAG L . 11.63 32.58 -19.99
O4 NAG L . 14.19 32.12 -21.13
O5 NAG L . 14.89 32.23 -17.60
O6 NAG L . 17.34 33.07 -18.17
O7 NAG L . 11.64 32.56 -14.94
C1 42R M . 17.65 25.56 2.51
N1 42R M . 18.77 26.26 1.81
C2 42R M . 18.96 27.60 2.31
C3 42R M . 20.35 28.16 2.29
C4 42R M . 20.62 28.65 3.66
O1 42R M . 20.40 29.21 1.42
C5 42R M . 21.41 27.23 1.84
O2 42R M . 22.53 27.24 2.33
C6 42R M . 21.04 26.26 0.72
C7 42R M . 19.61 25.79 0.76
C8 42R M . 19.13 24.83 -0.26
C9 42R M . 19.09 23.49 0.05
C10 42R M . 18.66 22.60 -0.86
C11 42R M . 18.27 23.06 -2.12
BR1 42R M . 17.66 21.79 -3.44
C12 42R M . 18.32 24.37 -2.42
C13 42R M . 18.75 25.29 -1.49
C1 42R N . -16.46 17.80 -12.94
N1 42R N . -16.32 18.29 -11.55
C2 42R N . -15.66 19.55 -11.48
C3 42R N . -16.30 20.58 -10.61
C4 42R N . -17.53 21.00 -11.33
O1 42R N . -15.50 21.65 -10.45
C5 42R N . -16.56 20.10 -9.23
O2 42R N . -16.49 20.83 -8.24
C6 42R N . -16.88 18.62 -9.12
C7 42R N . -16.74 17.71 -10.31
C8 42R N . -17.03 16.25 -10.17
C9 42R N . -16.12 15.46 -9.52
C10 42R N . -16.31 14.14 -9.36
C11 42R N . -17.47 13.55 -9.84
BR1 42R N . -17.78 11.64 -9.61
C12 42R N . -18.37 14.32 -10.47
C13 42R N . -18.17 15.67 -10.65
O1 L0B O . -11.15 25.22 0.11
C3 L0B O . -11.52 24.05 0.06
C21 L0B O . -18.77 19.84 -4.61
C10 L0B O . -17.75 19.64 -3.68
C19 L0B O . -16.63 20.46 -3.66
C17 L0B O . -16.54 21.48 -4.59
C18 L0B O . -17.57 21.70 -5.51
C20 L0B O . -18.68 20.87 -5.52
C14 L0B O . -14.03 21.86 -4.98
C11 L0B O . -13.07 22.92 -4.44
C13 L0B O . -11.61 22.79 -4.84
C15 L0B O . -10.95 24.04 -4.31
C12 L0B O . -11.15 24.20 -2.80
C9 L0B O . -12.58 24.00 -2.32
N1 L0B O . -13.17 22.84 -2.99
C22 L0B O . -12.55 21.58 -2.51
C8 L0B O . -12.67 23.62 -0.83
C16 L0B O . -15.40 22.40 -4.56
O2 L0B O . -15.37 22.95 -3.23
C4 L0B O . -10.81 23.07 2.25
C1 L0B O . -10.84 22.99 0.86
C2 L0B O . -10.29 21.90 0.22
C5 L0B O . -9.67 20.91 0.97
C6 L0B O . -9.63 20.99 2.36
C7 L0B O . -10.21 22.07 2.99
C1 NAG P . -11.90 32.30 10.50
C2 NAG P . -12.73 33.52 10.90
C3 NAG P . -13.71 33.10 11.98
C4 NAG P . -14.57 31.98 11.43
C5 NAG P . -13.70 30.79 11.05
C6 NAG P . -14.55 29.70 10.42
C7 NAG P . -10.54 34.64 11.10
C8 NAG P . -9.67 34.72 12.32
N2 NAG P . -11.86 34.59 11.33
O3 NAG P . -14.52 34.18 12.37
O4 NAG P . -15.51 31.59 12.41
O5 NAG P . -12.66 31.16 10.16
O6 NAG P . -15.11 30.13 9.19
O7 NAG P . -10.04 34.65 9.97
C1 NAG Q . -19.02 32.64 13.49
C2 NAG Q . -18.76 31.28 12.86
C3 NAG Q . -18.50 31.40 11.36
C4 NAG Q . -18.57 32.85 10.89
C5 NAG Q . -17.76 33.79 11.79
C6 NAG Q . -18.09 35.25 11.50
C7 NAG Q . -17.73 29.44 14.08
C8 NAG Q . -18.34 28.34 13.27
N2 NAG Q . -17.62 30.64 13.50
O3 NAG Q . -19.44 30.61 10.67
O4 NAG Q . -18.05 32.95 9.58
O5 NAG Q . -17.97 33.53 13.18
O6 NAG Q . -17.19 36.11 12.15
O7 NAG Q . -17.36 29.22 15.23
C1 42R R . 0.21 25.75 18.98
N1 42R R . 0.87 27.02 18.59
C2 42R R . 1.64 27.50 19.72
C3 42R R . 1.73 28.98 19.90
C4 42R R . 2.92 29.18 20.79
O1 42R R . 0.65 29.46 20.55
C5 42R R . 1.87 29.77 18.66
O2 42R R . 2.37 30.90 18.67
C6 42R R . 1.34 29.16 17.35
C7 42R R . 0.84 27.74 17.35
C8 42R R . 0.32 27.14 16.09
C9 42R R . 1.13 26.41 15.22
C10 42R R . 0.63 25.89 14.07
C11 42R R . -0.71 26.09 13.74
BR1 42R R . -1.49 25.37 12.11
C12 42R R . -1.50 26.79 14.58
C13 42R R . -1.00 27.32 15.75
C1 42R S . -26.18 0.70 9.26
N1 42R S . -25.50 0.18 10.48
C2 42R S . -25.49 1.16 11.53
C3 42R S . -26.04 0.71 12.84
C4 42R S . -27.52 0.72 12.71
O1 42R S . -25.67 1.57 13.82
C5 42R S . -25.55 -0.62 13.27
O2 42R S . -25.68 -0.97 14.44
C6 42R S . -24.92 -1.54 12.23
C7 42R S . -24.91 -1.09 10.78
C8 42R S . -24.30 -1.98 9.76
C9 42R S . -22.96 -2.29 9.83
C10 42R S . -22.40 -3.12 8.91
C11 42R S . -23.20 -3.65 7.90
BR1 42R S . -22.44 -4.85 6.56
C12 42R S . -24.51 -3.35 7.84
C13 42R S . -25.08 -2.51 8.77
O1 L0B T . -17.87 1.34 21.00
C3 L0B T . -18.94 0.79 21.17
C21 L0B T . -20.84 -2.41 12.84
C10 L0B T . -20.56 -2.83 14.15
C19 L0B T . -20.77 -1.97 15.21
C17 L0B T . -21.28 -0.68 14.98
C18 L0B T . -21.55 -0.26 13.67
C20 L0B T . -21.33 -1.12 12.60
C14 L0B T . -20.66 1.51 15.87
C11 L0B T . -20.55 2.34 17.15
C13 L0B T . -19.76 3.63 16.97
C15 L0B T . -19.72 4.41 18.29
C12 L0B T . -19.28 3.51 19.45
C9 L0B T . -20.18 2.27 19.42
N1 L0B T . -19.92 1.51 18.18
C22 L0B T . -18.49 1.30 17.90
C8 L0B T . -20.23 1.38 20.67
C16 L0B T . -21.51 0.27 16.10
O2 L0B T . -21.16 -0.33 17.36
C4 L0B T . -19.94 -1.47 21.60
C1 L0B T . -19.01 -0.49 21.96
C2 L0B T . -18.16 -0.70 23.04
C5 L0B T . -18.23 -1.89 23.77
C6 L0B T . -19.15 -2.87 23.40
C7 L0B T . -20.00 -2.66 22.32
C1 GOL U . -12.99 11.05 7.52
O1 GOL U . -12.06 11.99 7.05
C2 GOL U . -13.31 10.07 6.39
O2 GOL U . -12.12 9.45 5.93
C3 GOL U . -14.30 9.03 6.86
O3 GOL U . -13.99 7.80 6.23
C1 NAG V . -11.43 -1.02 33.82
C2 NAG V . -12.42 -0.20 34.63
C3 NAG V . -13.37 -1.19 35.30
C4 NAG V . -14.06 -1.91 34.15
C5 NAG V . -13.01 -2.52 33.21
C6 NAG V . -13.62 -3.34 32.07
C7 NAG V . -12.11 2.05 35.45
C8 NAG V . -11.19 3.02 36.10
N2 NAG V . -11.79 0.75 35.52
O3 NAG V . -14.28 -0.50 36.13
O4 NAG V . -14.94 -2.91 34.62
O5 NAG V . -12.17 -1.49 32.72
O6 NAG V . -14.65 -2.61 31.45
O7 NAG V . -13.13 2.44 34.89
C1 NAG W . -13.14 -4.75 36.23
C2 NAG W . -13.52 -6.13 35.70
C3 NAG W . -14.88 -6.59 36.21
C4 NAG W . -15.07 -6.03 37.60
C5 NAG W . -15.23 -4.51 37.46
C6 NAG W . -15.18 -3.79 38.81
C7 NAG W . -12.43 -6.73 33.69
C8 NAG W . -12.62 -7.47 32.39
N2 NAG W . -13.49 -6.18 34.25
O3 NAG W . -14.92 -8.00 36.23
O4 NAG W . -16.22 -6.59 38.18
O5 NAG W . -14.29 -3.98 36.53
O6 NAG W . -14.06 -4.19 39.55
O7 NAG W . -11.31 -6.62 34.21
C1 BMA X . -15.05 -7.83 40.81
C2 BMA X . -16.49 -7.55 41.25
C3 BMA X . -17.33 -8.81 41.42
C4 BMA X . -16.63 -10.07 40.91
C5 BMA X . -15.83 -9.85 39.63
C6 BMA X . -16.74 -9.85 38.39
O2 BMA X . -17.12 -6.67 40.31
O3 BMA X . -18.57 -8.63 40.71
O4 BMA X . -15.79 -10.63 41.95
O5 BMA X . -14.98 -8.69 39.66
O6 BMA X . -17.17 -8.52 38.08
C1 MAN Y . -20.33 -7.54 43.75
C2 MAN Y . -19.37 -6.43 43.33
C3 MAN Y . -19.72 -5.10 43.99
C4 MAN Y . -20.39 -5.32 45.34
C5 MAN Y . -19.90 -6.64 45.94
C6 MAN Y . -20.35 -6.80 47.39
O2 MAN Y . -19.43 -6.27 41.93
O3 MAN Y . -20.58 -4.38 43.12
O4 MAN Y . -20.08 -4.27 46.23
O5 MAN Y . -20.37 -7.72 45.16
O6 MAN Y . -19.54 -7.77 48.01
C1 42R Z . 2.50 4.01 30.53
N1 42R Z . 2.25 5.28 31.26
C2 42R Z . 3.39 5.65 32.07
C3 42R Z . 3.11 6.40 33.33
C4 42R Z . 4.40 6.92 33.82
O1 42R Z . 2.59 5.57 34.27
C5 42R Z . 2.11 7.48 33.20
O2 42R Z . 2.16 8.51 33.88
C6 42R Z . 0.99 7.27 32.19
C7 42R Z . 1.10 6.10 31.23
C8 42R Z . 0.04 5.88 30.23
C9 42R Z . 0.00 6.69 29.11
C10 42R Z . -0.97 6.51 28.17
C11 42R Z . -1.89 5.50 28.35
BR1 42R Z . -3.27 5.24 27.03
C12 42R Z . -1.85 4.70 29.45
C13 42R Z . -0.88 4.88 30.41
C1 42R AA . -8.42 -24.74 10.03
N1 42R AA . -6.98 -24.99 10.26
C2 42R AA . -6.69 -25.11 11.66
C3 42R AA . -5.82 -26.26 12.02
C4 42R AA . -6.63 -27.49 11.84
O1 42R AA . -5.42 -26.20 13.32
C5 42R AA . -4.57 -26.32 11.22
O2 42R AA . -3.52 -26.75 11.71
C6 42R AA . -4.63 -25.80 9.77
C7 42R AA . -5.91 -25.13 9.32
C8 42R AA . -6.01 -24.59 7.94
C9 42R AA . -5.50 -23.34 7.69
C10 42R AA . -5.57 -22.80 6.44
C11 42R AA . -6.17 -23.53 5.42
BR1 42R AA . -6.28 -22.75 3.63
C12 42R AA . -6.67 -24.75 5.67
C13 42R AA . -6.59 -25.30 6.94
O1 L0B BA . 4.04 -24.01 17.64
C3 L0B BA . 4.19 -23.96 16.44
C21 L0B BA . -1.82 -23.12 8.80
C10 L0B BA . -0.53 -23.51 9.18
C19 L0B BA . -0.23 -23.74 10.51
C17 L0B BA . -1.22 -23.60 11.47
C18 L0B BA . -2.51 -23.21 11.10
C20 L0B BA . -2.81 -22.98 9.77
C14 L0B BA . -1.10 -22.60 13.74
C11 L0B BA . -0.38 -22.79 15.07
C13 L0B BA . -0.70 -21.70 16.11
C15 L0B BA . -0.02 -22.12 17.41
C12 L0B BA . 1.47 -22.35 17.22
C9 L0B BA . 1.80 -23.24 16.02
N1 L0B BA . 1.07 -22.80 14.83
C22 L0B BA . 1.53 -21.46 14.43
C8 L0B BA . 3.27 -23.10 15.63
C16 L0B BA . -0.91 -23.85 12.90
O2 L0B BA . 0.45 -24.30 13.01
C4 L0B BA . 5.02 -25.53 14.66
C1 L0B BA . 5.30 -24.71 15.75
C2 L0B BA . 6.61 -24.58 16.20
C5 L0B BA . 7.64 -25.27 15.58
C6 L0B BA . 7.36 -26.09 14.48
C7 L0B BA . 6.05 -26.21 14.03
C1 GOL CA . -7.52 -10.66 13.92
O1 GOL CA . -7.21 -9.62 14.84
C2 GOL CA . -7.73 -10.06 12.53
O2 GOL CA . -6.91 -8.94 12.33
C3 GOL CA . -7.48 -11.12 11.45
O3 GOL CA . -8.71 -11.54 10.94
C1 NAG DA . 17.26 -23.29 21.01
C2 NAG DA . 17.07 -24.02 22.33
C3 NAG DA . 17.49 -25.46 22.07
C4 NAG DA . 16.68 -26.02 20.89
C5 NAG DA . 16.53 -25.04 19.72
C6 NAG DA . 15.48 -25.49 18.71
C7 NAG DA . 17.15 -23.13 24.58
C8 NAG DA . 17.93 -22.45 25.66
N2 NAG DA . 17.77 -23.39 23.42
O3 NAG DA . 17.25 -26.23 23.25
O4 NAG DA . 17.34 -27.18 20.43
O5 NAG DA . 16.22 -23.74 20.17
O6 NAG DA . 14.19 -25.39 19.28
O7 NAG DA . 15.98 -23.42 24.79
C1 NAG EA . 19.90 -28.68 19.26
C2 NAG EA . 19.16 -28.32 17.98
C3 NAG EA . 17.75 -28.91 18.01
C4 NAG EA . 17.83 -30.39 18.41
C5 NAG EA . 18.46 -30.49 19.81
C6 NAG EA . 19.53 -31.58 19.86
C7 NAG EA . 20.02 -26.21 17.11
C8 NAG EA . 20.78 -26.97 16.06
N2 NAG EA . 19.10 -26.88 17.81
O3 NAG EA . 17.10 -28.72 16.77
O4 NAG EA . 16.56 -31.00 18.43
O5 NAG EA . 18.99 -29.24 20.20
O6 NAG EA . 18.93 -32.85 19.81
O7 NAG EA . 20.26 -25.01 17.29
C1 42R FA . 21.22 -7.96 21.13
N1 42R FA . 21.19 -8.17 22.60
C2 42R FA . 22.29 -7.51 23.26
C3 42R FA . 22.69 -8.00 24.62
C4 42R FA . 23.48 -6.91 25.23
O1 42R FA . 23.52 -9.06 24.51
C5 42R FA . 21.58 -8.42 25.50
O2 42R FA . 21.62 -8.32 26.71
C6 42R FA . 20.35 -9.03 24.86
C7 42R FA . 20.23 -8.88 23.37
C8 42R FA . 19.03 -9.45 22.78
C9 42R FA . 17.86 -8.68 22.81
C10 42R FA . 16.74 -9.19 22.30
C11 42R FA . 16.78 -10.47 21.76
BR1 42R FA . 15.16 -11.22 21.02
C12 42R FA . 17.91 -11.23 21.76
C13 42R FA . 19.08 -10.72 22.28
C1 42R GA . 13.03 -21.29 -11.34
N1 42R GA . 14.04 -20.46 -12.03
C2 42R GA . 15.36 -20.67 -11.50
C3 42R GA . 16.39 -20.99 -12.53
C4 42R GA . 16.08 -22.36 -13.02
O1 42R GA . 17.63 -20.98 -11.98
C5 42R GA . 16.43 -20.01 -13.64
O2 42R GA . 17.45 -19.82 -14.30
C6 42R GA . 15.14 -19.25 -13.96
C7 42R GA . 13.91 -19.53 -13.11
C8 42R GA . 12.65 -18.81 -13.38
C9 42R GA . 12.61 -17.45 -13.19
C10 42R GA . 11.48 -16.74 -13.43
C11 42R GA . 10.36 -17.41 -13.87
BR1 42R GA . 8.74 -16.40 -14.22
C12 42R GA . 10.39 -18.75 -14.08
C13 42R GA . 11.54 -19.47 -13.83
O1 L0B HA . 22.83 -12.50 -7.54
C3 L0B HA . 23.28 -12.98 -8.58
C21 L0B HA . 14.91 -14.98 -12.34
C10 L0B HA . 16.07 -14.30 -12.69
C19 L0B HA . 17.30 -14.74 -12.20
C17 L0B HA . 17.37 -15.85 -11.37
C18 L0B HA . 16.20 -16.52 -11.02
C20 L0B HA . 14.98 -16.09 -11.50
C14 L0B HA . 18.59 -16.17 -9.32
C11 L0B HA . 19.94 -16.25 -8.60
C13 L0B HA . 19.71 -16.24 -7.09
C15 L0B HA . 21.03 -16.31 -6.32
C12 L0B HA . 21.96 -15.23 -6.82
C9 L0B HA . 22.10 -15.32 -8.34
N1 L0B HA . 20.80 -15.13 -9.00
C22 L0B HA . 20.15 -13.85 -8.60
C8 L0B HA . 23.21 -14.44 -8.94
C16 L0B HA . 18.67 -16.30 -10.84
O2 L0B HA . 19.73 -15.49 -11.34
C4 L0B HA . 23.98 -12.39 -10.91
C1 L0B HA . 24.00 -12.08 -9.55
C2 L0B HA . 24.68 -10.95 -9.10
C5 L0B HA . 25.34 -10.14 -10.01
C6 L0B HA . 25.31 -10.45 -11.37
C7 L0B HA . 24.63 -11.57 -11.82
C1 GOL IA . 8.20 -16.86 -0.13
O1 GOL IA . 7.64 -16.37 -1.33
C2 GOL IA . 8.93 -15.76 0.63
O2 GOL IA . 8.19 -14.56 0.50
C3 GOL IA . 9.00 -16.12 2.11
O3 GOL IA . 9.53 -15.05 2.87
#